data_4MNB
# 
_entry.id   4MNB 
# 
_audit_conform.dict_name       mmcif_pdbx.dic 
_audit_conform.dict_version    5.387 
_audit_conform.dict_location   http://mmcif.pdb.org/dictionaries/ascii/mmcif_pdbx.dic 
# 
loop_
_database_2.database_id 
_database_2.database_code 
_database_2.pdbx_database_accession 
_database_2.pdbx_DOI 
PDB   4MNB         pdb_00004mnb 10.2210/pdb4mnb/pdb 
NDB   NA2705       ?            ?                   
RCSB  RCSB082125   ?            ?                   
WWPDB D_1000082125 ?            ?                   
# 
loop_
_pdbx_audit_revision_history.ordinal 
_pdbx_audit_revision_history.data_content_type 
_pdbx_audit_revision_history.major_revision 
_pdbx_audit_revision_history.minor_revision 
_pdbx_audit_revision_history.revision_date 
1 'Structure model' 1 0 2015-03-11 
2 'Structure model' 1 1 2017-02-22 
3 'Structure model' 1 2 2024-02-28 
# 
_pdbx_audit_revision_details.ordinal             1 
_pdbx_audit_revision_details.revision_ordinal    1 
_pdbx_audit_revision_details.data_content_type   'Structure model' 
_pdbx_audit_revision_details.provider            repository 
_pdbx_audit_revision_details.type                'Initial release' 
_pdbx_audit_revision_details.description         ? 
_pdbx_audit_revision_details.details             ? 
# 
loop_
_pdbx_audit_revision_group.ordinal 
_pdbx_audit_revision_group.revision_ordinal 
_pdbx_audit_revision_group.data_content_type 
_pdbx_audit_revision_group.group 
1 2 'Structure model' 'Database references'  
2 3 'Structure model' 'Data collection'      
3 3 'Structure model' 'Database references'  
4 3 'Structure model' 'Derived calculations' 
# 
loop_
_pdbx_audit_revision_category.ordinal 
_pdbx_audit_revision_category.revision_ordinal 
_pdbx_audit_revision_category.data_content_type 
_pdbx_audit_revision_category.category 
1 3 'Structure model' chem_comp_atom         
2 3 'Structure model' chem_comp_bond         
3 3 'Structure model' database_2             
4 3 'Structure model' pdbx_struct_conn_angle 
5 3 'Structure model' struct_conn            
6 3 'Structure model' struct_site            
# 
loop_
_pdbx_audit_revision_item.ordinal 
_pdbx_audit_revision_item.revision_ordinal 
_pdbx_audit_revision_item.data_content_type 
_pdbx_audit_revision_item.item 
1  3 'Structure model' '_database_2.pdbx_DOI'                        
2  3 'Structure model' '_database_2.pdbx_database_accession'         
3  3 'Structure model' '_pdbx_struct_conn_angle.ptnr1_auth_comp_id'  
4  3 'Structure model' '_pdbx_struct_conn_angle.ptnr1_auth_seq_id'   
5  3 'Structure model' '_pdbx_struct_conn_angle.ptnr1_label_asym_id' 
6  3 'Structure model' '_pdbx_struct_conn_angle.ptnr1_label_atom_id' 
7  3 'Structure model' '_pdbx_struct_conn_angle.ptnr1_label_comp_id' 
8  3 'Structure model' '_pdbx_struct_conn_angle.ptnr1_label_seq_id'  
9  3 'Structure model' '_pdbx_struct_conn_angle.ptnr2_auth_seq_id'   
10 3 'Structure model' '_pdbx_struct_conn_angle.ptnr2_label_asym_id' 
11 3 'Structure model' '_pdbx_struct_conn_angle.ptnr3_auth_seq_id'   
12 3 'Structure model' '_pdbx_struct_conn_angle.ptnr3_label_asym_id' 
13 3 'Structure model' '_pdbx_struct_conn_angle.ptnr3_label_atom_id' 
14 3 'Structure model' '_pdbx_struct_conn_angle.value'               
15 3 'Structure model' '_struct_conn.pdbx_dist_value'                
16 3 'Structure model' '_struct_conn.ptnr1_auth_seq_id'              
17 3 'Structure model' '_struct_conn.ptnr1_label_atom_id'            
18 3 'Structure model' '_struct_conn.ptnr1_label_seq_id'             
19 3 'Structure model' '_struct_conn.ptnr2_auth_comp_id'             
20 3 'Structure model' '_struct_conn.ptnr2_auth_seq_id'              
21 3 'Structure model' '_struct_conn.ptnr2_label_asym_id'            
22 3 'Structure model' '_struct_conn.ptnr2_label_atom_id'            
23 3 'Structure model' '_struct_conn.ptnr2_label_comp_id'            
24 3 'Structure model' '_struct_site.pdbx_auth_asym_id'              
25 3 'Structure model' '_struct_site.pdbx_auth_comp_id'              
26 3 'Structure model' '_struct_site.pdbx_auth_seq_id'               
# 
_pdbx_database_status.status_code                     REL 
_pdbx_database_status.entry_id                        4MNB 
_pdbx_database_status.recvd_initial_deposition_date   2013-09-10 
_pdbx_database_status.deposit_site                    RCSB 
_pdbx_database_status.process_site                    RCSB 
_pdbx_database_status.status_code_sf                  REL 
_pdbx_database_status.status_code_mr                  ? 
_pdbx_database_status.SG_entry                        ? 
_pdbx_database_status.status_code_cs                  ? 
_pdbx_database_status.methods_development_category    ? 
_pdbx_database_status.pdb_format_compatible           Y 
_pdbx_database_status.status_code_nmr_data            ? 
# 
loop_
_audit_author.name 
_audit_author.pdbx_ordinal 
'Canals, A.'           1 
'Arribas-Bosacoma, R.' 2 
'Alvarez, M.'          3 
'Albericio, F.'        4 
'Aymami, J.'           5 
'Coll, M.'             6 
# 
_citation.id                        primary 
_citation.title                     'Intercalative DNA binding of the marine anticancer drug variolin B.' 
_citation.journal_abbrev            'Sci Rep' 
_citation.journal_volume            7 
_citation.page_first                39680 
_citation.page_last                 39680 
_citation.year                      2017 
_citation.journal_id_ASTM           ? 
_citation.country                   UK 
_citation.journal_id_ISSN           2045-2322 
_citation.journal_id_CSD            ? 
_citation.book_publisher            ? 
_citation.pdbx_database_id_PubMed   28051169 
_citation.pdbx_database_id_DOI      10.1038/srep39680 
# 
loop_
_citation_author.citation_id 
_citation_author.name 
_citation_author.ordinal 
_citation_author.identifier_ORCID 
primary 'Canals, A.'           1 ? 
primary 'Arribas-Bosacoma, R.' 2 ? 
primary 'Albericio, F.'        3 ? 
primary 'Alvarez, M.'          4 ? 
primary 'Aymami, J.'           5 ? 
primary 'Coll, M.'             6 ? 
# 
loop_
_entity.id 
_entity.type 
_entity.src_method 
_entity.pdbx_description 
_entity.formula_weight 
_entity.pdbx_number_of_molecules 
_entity.pdbx_ec 
_entity.pdbx_mutation 
_entity.pdbx_fragment 
_entity.details 
1 polymer     syn "5'-D(*CP*GP*TP*AP*CP*G)-3'"                                                     1809.217 2  ? ? ? ? 
2 non-polymer syn "9-amino-5-(2-aminopyrimidin-4-yl)pyrido[3',2':4,5]pyrrolo[1,2-c]pyrimidin-4-ol" 293.283  2  ? ? ? ? 
3 non-polymer syn 'COBALT HEXAMMINE(III)'                                                          161.116  3  ? ? ? ? 
4 non-polymer syn 'COBALT (II) ION'                                                                58.933   1  ? ? ? ? 
5 non-polymer syn 'SODIUM ION'                                                                     22.990   1  ? ? ? ? 
6 water       nat water                                                                            18.015   25 ? ? ? ? 
# 
_entity_poly.entity_id                      1 
_entity_poly.type                           polydeoxyribonucleotide 
_entity_poly.nstd_linkage                   no 
_entity_poly.nstd_monomer                   no 
_entity_poly.pdbx_seq_one_letter_code       '(DC)(DG)(DT)(DA)(DC)(DG)' 
_entity_poly.pdbx_seq_one_letter_code_can   CGTACG 
_entity_poly.pdbx_strand_id                 A,B 
_entity_poly.pdbx_target_identifier         ? 
# 
loop_
_pdbx_entity_nonpoly.entity_id 
_pdbx_entity_nonpoly.name 
_pdbx_entity_nonpoly.comp_id 
2 "9-amino-5-(2-aminopyrimidin-4-yl)pyrido[3',2':4,5]pyrrolo[1,2-c]pyrimidin-4-ol" VAR 
3 'COBALT HEXAMMINE(III)'                                                          NCO 
4 'COBALT (II) ION'                                                                CO  
5 'SODIUM ION'                                                                     NA  
6 water                                                                            HOH 
# 
loop_
_entity_poly_seq.entity_id 
_entity_poly_seq.num 
_entity_poly_seq.mon_id 
_entity_poly_seq.hetero 
1 1 DC n 
1 2 DG n 
1 3 DT n 
1 4 DA n 
1 5 DC n 
1 6 DG n 
# 
loop_
_chem_comp.id 
_chem_comp.type 
_chem_comp.mon_nstd_flag 
_chem_comp.name 
_chem_comp.pdbx_synonyms 
_chem_comp.formula 
_chem_comp.formula_weight 
CO  non-polymer   . 'COBALT (II) ION'                                                                ? 'Co 2'            58.933  
DA  'DNA linking' y "2'-DEOXYADENOSINE-5'-MONOPHOSPHATE"                                             ? 'C10 H14 N5 O6 P' 331.222 
DC  'DNA linking' y "2'-DEOXYCYTIDINE-5'-MONOPHOSPHATE"                                              ? 'C9 H14 N3 O7 P'  307.197 
DG  'DNA linking' y "2'-DEOXYGUANOSINE-5'-MONOPHOSPHATE"                                             ? 'C10 H14 N5 O7 P' 347.221 
DT  'DNA linking' y "THYMIDINE-5'-MONOPHOSPHATE"                                                     ? 'C10 H15 N2 O8 P' 322.208 
HOH non-polymer   . WATER                                                                            ? 'H2 O'            18.015  
NA  non-polymer   . 'SODIUM ION'                                                                     ? 'Na 1'            22.990  
NCO non-polymer   . 'COBALT HEXAMMINE(III)'                                                          ? 'Co H18 N6 3'     161.116 
VAR non-polymer   . "9-amino-5-(2-aminopyrimidin-4-yl)pyrido[3',2':4,5]pyrrolo[1,2-c]pyrimidin-4-ol" ? 'C14 H11 N7 O'    293.283 
# 
loop_
_pdbx_poly_seq_scheme.asym_id 
_pdbx_poly_seq_scheme.entity_id 
_pdbx_poly_seq_scheme.seq_id 
_pdbx_poly_seq_scheme.mon_id 
_pdbx_poly_seq_scheme.ndb_seq_num 
_pdbx_poly_seq_scheme.pdb_seq_num 
_pdbx_poly_seq_scheme.auth_seq_num 
_pdbx_poly_seq_scheme.pdb_mon_id 
_pdbx_poly_seq_scheme.auth_mon_id 
_pdbx_poly_seq_scheme.pdb_strand_id 
_pdbx_poly_seq_scheme.pdb_ins_code 
_pdbx_poly_seq_scheme.hetero 
A 1 1 DC 1 1  ?  ?  ?  A . n 
A 1 2 DG 2 2  2  DG GD A . n 
A 1 3 DT 3 3  3  DT TD A . n 
A 1 4 DA 4 4  4  DA AD A . n 
A 1 5 DC 5 5  5  DC CD A . n 
A 1 6 DG 6 6  6  DG GD A . n 
B 1 1 DC 1 7  7  DC CD B . n 
B 1 2 DG 2 8  8  DG GD B . n 
B 1 3 DT 3 9  9  DT TD B . n 
B 1 4 DA 4 10 10 DA AD B . n 
B 1 5 DC 5 11 11 DC CD B . n 
B 1 6 DG 6 12 12 DG GD B . n 
# 
loop_
_pdbx_nonpoly_scheme.asym_id 
_pdbx_nonpoly_scheme.entity_id 
_pdbx_nonpoly_scheme.mon_id 
_pdbx_nonpoly_scheme.ndb_seq_num 
_pdbx_nonpoly_scheme.pdb_seq_num 
_pdbx_nonpoly_scheme.auth_seq_num 
_pdbx_nonpoly_scheme.pdb_mon_id 
_pdbx_nonpoly_scheme.auth_mon_id 
_pdbx_nonpoly_scheme.pdb_strand_id 
_pdbx_nonpoly_scheme.pdb_ins_code 
C 2 VAR 1  101 1  VAR VAR A . 
D 2 VAR 1  102 1  VAR VAR A . 
E 3 NCO 1  103 1  NCO NCO A . 
F 4 CO  1  104 1  CO  CO  A . 
G 3 NCO 1  101 1  NCO NCO B . 
H 3 NCO 1  102 1  NCO NCO B . 
I 5 NA  1  103 1  NA  NA  B . 
J 6 HOH 1  201 2  HOH HOH A . 
J 6 HOH 2  202 3  HOH HOH A . 
J 6 HOH 3  203 6  HOH HOH A . 
J 6 HOH 4  204 8  HOH HOH A . 
J 6 HOH 5  205 9  HOH HOH A . 
J 6 HOH 6  206 12 HOH HOH A . 
J 6 HOH 7  207 14 HOH HOH A . 
J 6 HOH 8  208 15 HOH HOH A . 
J 6 HOH 9  209 16 HOH HOH A . 
J 6 HOH 10 210 17 HOH HOH A . 
J 6 HOH 11 211 18 HOH HOH A . 
J 6 HOH 12 212 23 HOH HOH A . 
J 6 HOH 13 213 24 HOH HOH A . 
K 6 HOH 1  201 1  HOH HOH B . 
K 6 HOH 2  202 4  HOH HOH B . 
K 6 HOH 3  203 5  HOH HOH B . 
K 6 HOH 4  204 7  HOH HOH B . 
K 6 HOH 5  205 10 HOH HOH B . 
K 6 HOH 6  206 11 HOH HOH B . 
K 6 HOH 7  207 13 HOH HOH B . 
K 6 HOH 8  208 19 HOH HOH B . 
K 6 HOH 9  209 20 HOH HOH B . 
K 6 HOH 10 210 21 HOH HOH B . 
K 6 HOH 11 211 22 HOH HOH B . 
K 6 HOH 12 212 25 HOH HOH B . 
# 
loop_
_software.name 
_software.classification 
_software.version 
_software.citation_id 
_software.pdbx_ordinal 
DNA    'data collection' .        ? 1 
PHASER phasing           .        ? 2 
REFMAC refinement        5.7.0032 ? 3 
XDS    'data reduction'  .        ? 4 
SCALA  'data scaling'    .        ? 5 
# 
_cell.entry_id           4MNB 
_cell.length_a           28.700 
_cell.length_b           53.400 
_cell.length_c           40.800 
_cell.angle_alpha        90.00 
_cell.angle_beta         90.00 
_cell.angle_gamma        90.00 
_cell.Z_PDB              16 
_cell.pdbx_unique_axis   ? 
_cell.length_a_esd       ? 
_cell.length_b_esd       ? 
_cell.length_c_esd       ? 
_cell.angle_alpha_esd    ? 
_cell.angle_beta_esd     ? 
_cell.angle_gamma_esd    ? 
# 
_symmetry.entry_id                         4MNB 
_symmetry.space_group_name_H-M             'C 2 2 2' 
_symmetry.pdbx_full_space_group_name_H-M   ? 
_symmetry.cell_setting                     ? 
_symmetry.Int_Tables_number                21 
_symmetry.space_group_name_Hall            ? 
# 
_exptl.entry_id          4MNB 
_exptl.method            'X-RAY DIFFRACTION' 
_exptl.crystals_number   1 
# 
_exptl_crystal.id                    1 
_exptl_crystal.density_meas          ? 
_exptl_crystal.density_Matthews      2.16 
_exptl_crystal.density_percent_sol   43.06 
_exptl_crystal.description           ? 
_exptl_crystal.F_000                 ? 
_exptl_crystal.preparation           ? 
# 
_exptl_crystal_grow.crystal_id      1 
_exptl_crystal_grow.method          'VAPOR DIFFUSION, SITTING DROP' 
_exptl_crystal_grow.temp            293 
_exptl_crystal_grow.temp_details    ? 
_exptl_crystal_grow.pH              5.8 
_exptl_crystal_grow.pdbx_details    
;8% v/v MPD, 40 mM Na Cacodylate pH 5.8, 4 mM Hexamine Cobalt, 12 mM NaCl, 80 mM KCl, VAPOR DIFFUSION, SITTING DROP, temperature 293K
;
_exptl_crystal_grow.pdbx_pH_range   ? 
# 
_diffrn.id                     1 
_diffrn.ambient_temp           120 
_diffrn.ambient_temp_details   ? 
_diffrn.crystal_id             1 
# 
_diffrn_detector.diffrn_id              1 
_diffrn_detector.detector               CCD 
_diffrn_detector.type                   'MARMOSAIC 225 mm CCD' 
_diffrn_detector.pdbx_collection_date   2007-04-28 
_diffrn_detector.details                ? 
# 
_diffrn_radiation.diffrn_id                        1 
_diffrn_radiation.wavelength_id                    1 
_diffrn_radiation.pdbx_monochromatic_or_laue_m_l   M 
_diffrn_radiation.monochromator                    'Si 111 CHANNEL' 
_diffrn_radiation.pdbx_diffrn_protocol             'SINGLE WAVELENGTH' 
_diffrn_radiation.pdbx_scattering_type             x-ray 
# 
_diffrn_radiation_wavelength.id           1 
_diffrn_radiation_wavelength.wavelength   0.8726 
_diffrn_radiation_wavelength.wt           1.0 
# 
_diffrn_source.diffrn_id                   1 
_diffrn_source.source                      SYNCHROTRON 
_diffrn_source.type                        'ESRF BEAMLINE ID23-2' 
_diffrn_source.pdbx_synchrotron_site       ESRF 
_diffrn_source.pdbx_synchrotron_beamline   ID23-2 
_diffrn_source.pdbx_wavelength             ? 
_diffrn_source.pdbx_wavelength_list        0.8726 
# 
_reflns.entry_id                     4MNB 
_reflns.observed_criterion_sigma_I   1.0 
_reflns.observed_criterion_sigma_F   2.0 
_reflns.d_resolution_low             40.8 
_reflns.d_resolution_high            1.4 
_reflns.number_obs                   6465 
_reflns.number_all                   6471 
_reflns.percent_possible_obs         99.9 
_reflns.pdbx_Rmerge_I_obs            ? 
_reflns.pdbx_Rsym_value              ? 
_reflns.pdbx_netI_over_sigmaI        ? 
_reflns.B_iso_Wilson_estimate        ? 
_reflns.pdbx_redundancy              ? 
_reflns.R_free_details               ? 
_reflns.limit_h_max                  ? 
_reflns.limit_h_min                  ? 
_reflns.limit_k_max                  ? 
_reflns.limit_k_min                  ? 
_reflns.limit_l_max                  ? 
_reflns.limit_l_min                  ? 
_reflns.observed_criterion_F_max     ? 
_reflns.observed_criterion_F_min     ? 
_reflns.pdbx_chi_squared             ? 
_reflns.pdbx_scaling_rejects         ? 
_reflns.pdbx_ordinal                 1 
_reflns.pdbx_diffrn_id               1 
# 
_refine.entry_id                                 4MNB 
_refine.ls_number_reflns_obs                     6157 
_refine.ls_number_reflns_all                     6167 
_refine.pdbx_ls_sigma_I                          ? 
_refine.pdbx_ls_sigma_F                          . 
_refine.pdbx_data_cutoff_high_absF               ? 
_refine.pdbx_data_cutoff_low_absF                ? 
_refine.pdbx_data_cutoff_high_rms_absF           ? 
_refine.ls_d_res_low                             40.79 
_refine.ls_d_res_high                            1.40 
_refine.ls_percent_reflns_obs                    99.83 
_refine.ls_R_factor_obs                          0.21024 
_refine.ls_R_factor_all                          ? 
_refine.ls_R_factor_R_work                       0.20813 
_refine.ls_R_factor_R_free                       0.25341 
_refine.ls_R_factor_R_free_error                 ? 
_refine.ls_R_factor_R_free_error_details         ? 
_refine.ls_percent_reflns_R_free                 4.7 
_refine.ls_number_reflns_R_free                  301 
_refine.ls_number_parameters                     ? 
_refine.ls_number_restraints                     ? 
_refine.occupancy_min                            ? 
_refine.occupancy_max                            ? 
_refine.correlation_coeff_Fo_to_Fc               0.963 
_refine.correlation_coeff_Fo_to_Fc_free          0.945 
_refine.B_iso_mean                               19.544 
_refine.aniso_B[1][1]                            0.53 
_refine.aniso_B[2][2]                            -0.34 
_refine.aniso_B[3][3]                            -0.19 
_refine.aniso_B[1][2]                            0.00 
_refine.aniso_B[1][3]                            -0.00 
_refine.aniso_B[2][3]                            -0.00 
_refine.solvent_model_details                    MASK 
_refine.solvent_model_param_ksol                 ? 
_refine.solvent_model_param_bsol                 ? 
_refine.pdbx_solvent_vdw_probe_radii             1.20 
_refine.pdbx_solvent_ion_probe_radii             0.80 
_refine.pdbx_solvent_shrinkage_radii             0.80 
_refine.pdbx_ls_cross_valid_method               THROUGHOUT 
_refine.details                                  ? 
_refine.pdbx_starting_model                      ? 
_refine.pdbx_method_to_determine_struct          'MOLECULAR REPLACEMENT' 
_refine.pdbx_isotropic_thermal_model             ? 
_refine.pdbx_stereochemistry_target_values       'MAXIMUM LIKELIHOOD' 
_refine.pdbx_stereochem_target_val_spec_case     ? 
_refine.pdbx_R_Free_selection_details            RANDOM 
_refine.pdbx_overall_ESU_R                       0.074 
_refine.pdbx_overall_ESU_R_Free                  0.081 
_refine.overall_SU_ML                            ? 
_refine.pdbx_overall_phase_error                 ? 
_refine.overall_SU_B                             ? 
_refine.overall_SU_R_Cruickshank_DPI             ? 
_refine.ls_redundancy_reflns_obs                 ? 
_refine.B_iso_min                                ? 
_refine.B_iso_max                                ? 
_refine.overall_SU_R_free                        ? 
_refine.ls_wR_factor_R_free                      ? 
_refine.ls_wR_factor_R_work                      ? 
_refine.overall_FOM_free_R_set                   ? 
_refine.overall_FOM_work_R_set                   ? 
_refine.pdbx_diffrn_id                           1 
_refine.pdbx_refine_id                           'X-RAY DIFFRACTION' 
_refine.pdbx_TLS_residual_ADP_flag               ? 
_refine.pdbx_overall_SU_R_free_Cruickshank_DPI   ? 
_refine.pdbx_overall_SU_R_Blow_DPI               ? 
_refine.pdbx_overall_SU_R_free_Blow_DPI          ? 
# 
_refine_hist.pdbx_refine_id                   'X-RAY DIFFRACTION' 
_refine_hist.cycle_id                         LAST 
_refine_hist.pdbx_number_atoms_protein        0 
_refine_hist.pdbx_number_atoms_nucleic_acid   224 
_refine_hist.pdbx_number_atoms_ligand         60 
_refine_hist.number_atoms_solvent             25 
_refine_hist.number_atoms_total               309 
_refine_hist.d_res_high                       1.40 
_refine_hist.d_res_low                        40.79 
# 
loop_
_refine_ls_restr.type 
_refine_ls_restr.dev_ideal 
_refine_ls_restr.dev_ideal_target 
_refine_ls_restr.weight 
_refine_ls_restr.number 
_refine_ls_restr.pdbx_restraint_function 
_refine_ls_restr.pdbx_refine_id 
r_bond_refined_d             0.023 0.012  ? 311 ? 'X-RAY DIFFRACTION' 
r_bond_other_d               ?     ?      ? ?   ? 'X-RAY DIFFRACTION' 
r_angle_refined_deg          9.433 1.513  ? 473 ? 'X-RAY DIFFRACTION' 
r_angle_other_deg            ?     ?      ? ?   ? 'X-RAY DIFFRACTION' 
r_dihedral_angle_1_deg       ?     ?      ? ?   ? 'X-RAY DIFFRACTION' 
r_dihedral_angle_2_deg       ?     ?      ? ?   ? 'X-RAY DIFFRACTION' 
r_dihedral_angle_3_deg       ?     ?      ? ?   ? 'X-RAY DIFFRACTION' 
r_dihedral_angle_4_deg       ?     ?      ? ?   ? 'X-RAY DIFFRACTION' 
r_chiral_restr               0.098 0.200  ? 33  ? 'X-RAY DIFFRACTION' 
r_gen_planes_refined         0.024 0.020  ? 165 ? 'X-RAY DIFFRACTION' 
r_gen_planes_other           ?     ?      ? ?   ? 'X-RAY DIFFRACTION' 
r_nbd_refined                ?     ?      ? ?   ? 'X-RAY DIFFRACTION' 
r_nbd_other                  ?     ?      ? ?   ? 'X-RAY DIFFRACTION' 
r_nbtor_refined              ?     ?      ? ?   ? 'X-RAY DIFFRACTION' 
r_nbtor_other                ?     ?      ? ?   ? 'X-RAY DIFFRACTION' 
r_xyhbond_nbd_refined        ?     ?      ? ?   ? 'X-RAY DIFFRACTION' 
r_xyhbond_nbd_other          ?     ?      ? ?   ? 'X-RAY DIFFRACTION' 
r_metal_ion_refined          ?     ?      ? ?   ? 'X-RAY DIFFRACTION' 
r_metal_ion_other            ?     ?      ? ?   ? 'X-RAY DIFFRACTION' 
r_symmetry_vdw_refined       ?     ?      ? ?   ? 'X-RAY DIFFRACTION' 
r_symmetry_vdw_other         ?     ?      ? ?   ? 'X-RAY DIFFRACTION' 
r_symmetry_hbond_refined     ?     ?      ? ?   ? 'X-RAY DIFFRACTION' 
r_symmetry_hbond_other       ?     ?      ? ?   ? 'X-RAY DIFFRACTION' 
r_symmetry_metal_ion_refined ?     ?      ? ?   ? 'X-RAY DIFFRACTION' 
r_symmetry_metal_ion_other   ?     ?      ? ?   ? 'X-RAY DIFFRACTION' 
r_mcbond_it                  ?     ?      ? ?   ? 'X-RAY DIFFRACTION' 
r_mcbond_other               ?     ?      ? ?   ? 'X-RAY DIFFRACTION' 
r_mcangle_it                 ?     ?      ? ?   ? 'X-RAY DIFFRACTION' 
r_mcangle_other              ?     ?      ? ?   ? 'X-RAY DIFFRACTION' 
r_scbond_it                  2.729 1.879  ? 311 ? 'X-RAY DIFFRACTION' 
r_scbond_other               ?     ?      ? ?   ? 'X-RAY DIFFRACTION' 
r_scangle_it                 ?     ?      ? ?   ? 'X-RAY DIFFRACTION' 
r_scangle_other              ?     ?      ? ?   ? 'X-RAY DIFFRACTION' 
r_long_range_B_refined       4.847 19.790 ? 652 ? 'X-RAY DIFFRACTION' 
r_long_range_B_other         ?     ?      ? ?   ? 'X-RAY DIFFRACTION' 
r_rigid_bond_restr           ?     ?      ? ?   ? 'X-RAY DIFFRACTION' 
r_sphericity_free            ?     ?      ? ?   ? 'X-RAY DIFFRACTION' 
r_sphericity_bonded          ?     ?      ? ?   ? 'X-RAY DIFFRACTION' 
# 
_refine_ls_shell.pdbx_total_number_of_bins_used   20 
_refine_ls_shell.d_res_high                       1.400 
_refine_ls_shell.d_res_low                        1.436 
_refine_ls_shell.number_reflns_R_work             448 
_refine_ls_shell.R_factor_R_work                  0.313 
_refine_ls_shell.percent_reflns_obs               100.00 
_refine_ls_shell.R_factor_R_free                  0.394 
_refine_ls_shell.R_factor_R_free_error            ? 
_refine_ls_shell.percent_reflns_R_free            ? 
_refine_ls_shell.number_reflns_R_free             22 
_refine_ls_shell.number_reflns_all                ? 
_refine_ls_shell.R_factor_all                     ? 
_refine_ls_shell.number_reflns_obs                ? 
_refine_ls_shell.redundancy_reflns_obs            ? 
_refine_ls_shell.pdbx_refine_id                   'X-RAY DIFFRACTION' 
# 
_struct.entry_id                  4MNB 
_struct.title                     'Crystal Structure of a complex between the marine anticancer drug Variolin B and DNA' 
_struct.pdbx_model_details        ? 
_struct.pdbx_CASP_flag            ? 
_struct.pdbx_model_type_details   ? 
# 
_struct_keywords.entry_id        4MNB 
_struct_keywords.pdbx_keywords   DNA 
_struct_keywords.text            'DNA duplex, Intercalation, Drug binding, Nucleus, DNA' 
# 
loop_
_struct_asym.id 
_struct_asym.pdbx_blank_PDB_chainid_flag 
_struct_asym.pdbx_modified 
_struct_asym.entity_id 
_struct_asym.details 
A N N 1 ? 
B N N 1 ? 
C N N 2 ? 
D N N 2 ? 
E N N 3 ? 
F N N 4 ? 
G N N 3 ? 
H N N 3 ? 
I N N 5 ? 
J N N 6 ? 
K N N 6 ? 
# 
_struct_ref.id                         1 
_struct_ref.db_name                    PDB 
_struct_ref.db_code                    4MNB 
_struct_ref.pdbx_db_accession          4MNB 
_struct_ref.entity_id                  1 
_struct_ref.pdbx_align_begin           ? 
_struct_ref.pdbx_seq_one_letter_code   CGTACG 
_struct_ref.pdbx_db_isoform            ? 
# 
loop_
_struct_ref_seq.align_id 
_struct_ref_seq.ref_id 
_struct_ref_seq.pdbx_PDB_id_code 
_struct_ref_seq.pdbx_strand_id 
_struct_ref_seq.seq_align_beg 
_struct_ref_seq.pdbx_seq_align_beg_ins_code 
_struct_ref_seq.seq_align_end 
_struct_ref_seq.pdbx_seq_align_end_ins_code 
_struct_ref_seq.pdbx_db_accession 
_struct_ref_seq.db_align_beg 
_struct_ref_seq.pdbx_db_align_beg_ins_code 
_struct_ref_seq.db_align_end 
_struct_ref_seq.pdbx_db_align_end_ins_code 
_struct_ref_seq.pdbx_auth_seq_align_beg 
_struct_ref_seq.pdbx_auth_seq_align_end 
1 1 4MNB A 1 ? 6 ? 4MNB 1 ? 6  ? 1 6  
2 1 4MNB B 1 ? 6 ? 4MNB 7 ? 12 ? 7 12 
# 
_pdbx_struct_assembly.id                   1 
_pdbx_struct_assembly.details              author_and_software_defined_assembly 
_pdbx_struct_assembly.method_details       PISA 
_pdbx_struct_assembly.oligomeric_details   dimeric 
_pdbx_struct_assembly.oligomeric_count     2 
# 
loop_
_pdbx_struct_assembly_prop.biol_id 
_pdbx_struct_assembly_prop.type 
_pdbx_struct_assembly_prop.value 
_pdbx_struct_assembly_prop.details 
1 'ABSA (A^2)' 1030 ? 
1 MORE         -7   ? 
1 'SSA (A^2)'  2810 ? 
# 
_pdbx_struct_assembly_gen.assembly_id       1 
_pdbx_struct_assembly_gen.oper_expression   1 
_pdbx_struct_assembly_gen.asym_id_list      A,B,C,D,E,F,G,H,I,J,K 
# 
_pdbx_struct_oper_list.id                   1 
_pdbx_struct_oper_list.type                 'identity operation' 
_pdbx_struct_oper_list.name                 1_555 
_pdbx_struct_oper_list.symmetry_operation   x,y,z 
_pdbx_struct_oper_list.matrix[1][1]         1.0000000000 
_pdbx_struct_oper_list.matrix[1][2]         0.0000000000 
_pdbx_struct_oper_list.matrix[1][3]         0.0000000000 
_pdbx_struct_oper_list.vector[1]            0.0000000000 
_pdbx_struct_oper_list.matrix[2][1]         0.0000000000 
_pdbx_struct_oper_list.matrix[2][2]         1.0000000000 
_pdbx_struct_oper_list.matrix[2][3]         0.0000000000 
_pdbx_struct_oper_list.vector[2]            0.0000000000 
_pdbx_struct_oper_list.matrix[3][1]         0.0000000000 
_pdbx_struct_oper_list.matrix[3][2]         0.0000000000 
_pdbx_struct_oper_list.matrix[3][3]         1.0000000000 
_pdbx_struct_oper_list.vector[3]            0.0000000000 
# 
_struct_biol.id        1 
_struct_biol.details   ? 
# 
loop_
_struct_conn.id 
_struct_conn.conn_type_id 
_struct_conn.pdbx_leaving_atom_flag 
_struct_conn.pdbx_PDB_id 
_struct_conn.ptnr1_label_asym_id 
_struct_conn.ptnr1_label_comp_id 
_struct_conn.ptnr1_label_seq_id 
_struct_conn.ptnr1_label_atom_id 
_struct_conn.pdbx_ptnr1_label_alt_id 
_struct_conn.pdbx_ptnr1_PDB_ins_code 
_struct_conn.pdbx_ptnr1_standard_comp_id 
_struct_conn.ptnr1_symmetry 
_struct_conn.ptnr2_label_asym_id 
_struct_conn.ptnr2_label_comp_id 
_struct_conn.ptnr2_label_seq_id 
_struct_conn.ptnr2_label_atom_id 
_struct_conn.pdbx_ptnr2_label_alt_id 
_struct_conn.pdbx_ptnr2_PDB_ins_code 
_struct_conn.ptnr1_auth_asym_id 
_struct_conn.ptnr1_auth_comp_id 
_struct_conn.ptnr1_auth_seq_id 
_struct_conn.ptnr2_auth_asym_id 
_struct_conn.ptnr2_auth_comp_id 
_struct_conn.ptnr2_auth_seq_id 
_struct_conn.ptnr2_symmetry 
_struct_conn.pdbx_ptnr3_label_atom_id 
_struct_conn.pdbx_ptnr3_label_seq_id 
_struct_conn.pdbx_ptnr3_label_comp_id 
_struct_conn.pdbx_ptnr3_label_asym_id 
_struct_conn.pdbx_ptnr3_label_alt_id 
_struct_conn.pdbx_ptnr3_PDB_ins_code 
_struct_conn.details 
_struct_conn.pdbx_dist_value 
_struct_conn.pdbx_value_order 
_struct_conn.pdbx_role 
metalc1  metalc ? ? A DG 2 N7  ? ? ? 1_555 E NCO . CO ? ? A DG 2  A NCO 103 1_555 ? ? ? ? ? ? ?            2.156 ? ? 
metalc2  metalc ? ? B DG 2 N7  ? ? ? 1_555 H NCO . CO ? ? B DG 8  B NCO 102 1_555 ? ? ? ? ? ? ?            2.336 ? ? 
metalc3  metalc ? ? B DG 2 OP2 ? ? ? 1_555 I NA  . NA ? ? B DG 8  B NA  103 1_555 ? ? ? ? ? ? ?            2.736 ? ? 
metalc4  metalc ? ? B DG 6 N7  ? ? ? 1_555 G NCO . CO ? ? B DG 12 B NCO 101 1_555 ? ? ? ? ? ? ?            2.198 ? ? 
hydrog1  hydrog ? ? A DG 2 N1  ? ? ? 1_555 B DC  5 N3 ? ? A DG 2  B DC  11  1_555 ? ? ? ? ? ? WATSON-CRICK ?     ? ? 
hydrog2  hydrog ? ? A DG 2 N2  ? ? ? 1_555 B DC  5 O2 ? ? A DG 2  B DC  11  1_555 ? ? ? ? ? ? WATSON-CRICK ?     ? ? 
hydrog3  hydrog ? ? A DG 2 O6  ? ? ? 1_555 B DC  5 N4 ? ? A DG 2  B DC  11  1_555 ? ? ? ? ? ? WATSON-CRICK ?     ? ? 
hydrog4  hydrog ? ? A DT 3 N3  ? ? ? 1_555 B DA  4 N1 ? ? A DT 3  B DA  10  1_555 ? ? ? ? ? ? WATSON-CRICK ?     ? ? 
hydrog5  hydrog ? ? A DT 3 O4  ? ? ? 1_555 B DA  4 N6 ? ? A DT 3  B DA  10  1_555 ? ? ? ? ? ? WATSON-CRICK ?     ? ? 
hydrog6  hydrog ? ? A DA 4 N1  ? ? ? 1_555 B DT  3 N3 ? ? A DA 4  B DT  9   1_555 ? ? ? ? ? ? WATSON-CRICK ?     ? ? 
hydrog7  hydrog ? ? A DA 4 N6  ? ? ? 1_555 B DT  3 O4 ? ? A DA 4  B DT  9   1_555 ? ? ? ? ? ? WATSON-CRICK ?     ? ? 
hydrog8  hydrog ? ? A DC 5 N3  ? ? ? 1_555 B DG  2 N1 ? ? A DC 5  B DG  8   1_555 ? ? ? ? ? ? WATSON-CRICK ?     ? ? 
hydrog9  hydrog ? ? A DC 5 N4  ? ? ? 1_555 B DG  2 O6 ? ? A DC 5  B DG  8   1_555 ? ? ? ? ? ? WATSON-CRICK ?     ? ? 
hydrog10 hydrog ? ? A DC 5 O2  ? ? ? 1_555 B DG  2 N2 ? ? A DC 5  B DG  8   1_555 ? ? ? ? ? ? WATSON-CRICK ?     ? ? 
# 
loop_
_struct_conn_type.id 
_struct_conn_type.criteria 
_struct_conn_type.reference 
metalc ? ? 
hydrog ? ? 
# 
loop_
_pdbx_struct_conn_angle.id 
_pdbx_struct_conn_angle.ptnr1_label_atom_id 
_pdbx_struct_conn_angle.ptnr1_label_alt_id 
_pdbx_struct_conn_angle.ptnr1_label_asym_id 
_pdbx_struct_conn_angle.ptnr1_label_comp_id 
_pdbx_struct_conn_angle.ptnr1_label_seq_id 
_pdbx_struct_conn_angle.ptnr1_auth_atom_id 
_pdbx_struct_conn_angle.ptnr1_auth_asym_id 
_pdbx_struct_conn_angle.ptnr1_auth_comp_id 
_pdbx_struct_conn_angle.ptnr1_auth_seq_id 
_pdbx_struct_conn_angle.ptnr1_PDB_ins_code 
_pdbx_struct_conn_angle.ptnr1_symmetry 
_pdbx_struct_conn_angle.ptnr2_label_atom_id 
_pdbx_struct_conn_angle.ptnr2_label_alt_id 
_pdbx_struct_conn_angle.ptnr2_label_asym_id 
_pdbx_struct_conn_angle.ptnr2_label_comp_id 
_pdbx_struct_conn_angle.ptnr2_label_seq_id 
_pdbx_struct_conn_angle.ptnr2_auth_atom_id 
_pdbx_struct_conn_angle.ptnr2_auth_asym_id 
_pdbx_struct_conn_angle.ptnr2_auth_comp_id 
_pdbx_struct_conn_angle.ptnr2_auth_seq_id 
_pdbx_struct_conn_angle.ptnr2_PDB_ins_code 
_pdbx_struct_conn_angle.ptnr2_symmetry 
_pdbx_struct_conn_angle.ptnr3_label_atom_id 
_pdbx_struct_conn_angle.ptnr3_label_alt_id 
_pdbx_struct_conn_angle.ptnr3_label_asym_id 
_pdbx_struct_conn_angle.ptnr3_label_comp_id 
_pdbx_struct_conn_angle.ptnr3_label_seq_id 
_pdbx_struct_conn_angle.ptnr3_auth_atom_id 
_pdbx_struct_conn_angle.ptnr3_auth_asym_id 
_pdbx_struct_conn_angle.ptnr3_auth_comp_id 
_pdbx_struct_conn_angle.ptnr3_auth_seq_id 
_pdbx_struct_conn_angle.ptnr3_PDB_ins_code 
_pdbx_struct_conn_angle.ptnr3_symmetry 
_pdbx_struct_conn_angle.value 
_pdbx_struct_conn_angle.value_esd 
1  N7 ? A DG  2 ? A DG  2   ? 1_555 CO ? E NCO . ? A NCO 103 ? 1_555 N1 ? E NCO . ? A NCO 103 ? 1_555 91.2  ? 
2  N7 ? A DG  2 ? A DG  2   ? 1_555 CO ? E NCO . ? A NCO 103 ? 1_555 N3 ? E NCO . ? A NCO 103 ? 1_555 90.8  ? 
3  N1 ? E NCO . ? A NCO 103 ? 1_555 CO ? E NCO . ? A NCO 103 ? 1_555 N3 ? E NCO . ? A NCO 103 ? 1_555 90.7  ? 
4  N7 ? A DG  2 ? A DG  2   ? 1_555 CO ? E NCO . ? A NCO 103 ? 1_555 N4 ? E NCO . ? A NCO 103 ? 1_555 178.2 ? 
5  N1 ? E NCO . ? A NCO 103 ? 1_555 CO ? E NCO . ? A NCO 103 ? 1_555 N4 ? E NCO . ? A NCO 103 ? 1_555 87.0  ? 
6  N3 ? E NCO . ? A NCO 103 ? 1_555 CO ? E NCO . ? A NCO 103 ? 1_555 N4 ? E NCO . ? A NCO 103 ? 1_555 89.6  ? 
7  N7 ? A DG  2 ? A DG  2   ? 1_555 CO ? E NCO . ? A NCO 103 ? 1_555 N5 ? E NCO . ? A NCO 103 ? 1_555 89.4  ? 
8  N1 ? E NCO . ? A NCO 103 ? 1_555 CO ? E NCO . ? A NCO 103 ? 1_555 N5 ? E NCO . ? A NCO 103 ? 1_555 89.5  ? 
9  N3 ? E NCO . ? A NCO 103 ? 1_555 CO ? E NCO . ? A NCO 103 ? 1_555 N5 ? E NCO . ? A NCO 103 ? 1_555 179.7 ? 
10 N4 ? E NCO . ? A NCO 103 ? 1_555 CO ? E NCO . ? A NCO 103 ? 1_555 N5 ? E NCO . ? A NCO 103 ? 1_555 90.3  ? 
11 N7 ? A DG  2 ? A DG  2   ? 1_555 CO ? E NCO . ? A NCO 103 ? 1_555 N6 ? E NCO . ? A NCO 103 ? 1_555 90.9  ? 
12 N1 ? E NCO . ? A NCO 103 ? 1_555 CO ? E NCO . ? A NCO 103 ? 1_555 N6 ? E NCO . ? A NCO 103 ? 1_555 177.6 ? 
13 N3 ? E NCO . ? A NCO 103 ? 1_555 CO ? E NCO . ? A NCO 103 ? 1_555 N6 ? E NCO . ? A NCO 103 ? 1_555 88.1  ? 
14 N4 ? E NCO . ? A NCO 103 ? 1_555 CO ? E NCO . ? A NCO 103 ? 1_555 N6 ? E NCO . ? A NCO 103 ? 1_555 90.9  ? 
15 N5 ? E NCO . ? A NCO 103 ? 1_555 CO ? E NCO . ? A NCO 103 ? 1_555 N6 ? E NCO . ? A NCO 103 ? 1_555 91.7  ? 
16 N7 ? B DG  2 ? B DG  8   ? 1_555 CO ? H NCO . ? B NCO 102 ? 1_555 N1 ? H NCO . ? B NCO 102 ? 1_555 91.9  ? 
17 N7 ? B DG  2 ? B DG  8   ? 1_555 CO ? H NCO . ? B NCO 102 ? 1_555 N2 ? H NCO . ? B NCO 102 ? 1_555 87.6  ? 
18 N1 ? H NCO . ? B NCO 102 ? 1_555 CO ? H NCO . ? B NCO 102 ? 1_555 N2 ? H NCO . ? B NCO 102 ? 1_555 179.0 ? 
19 N7 ? B DG  6 ? B DG  12  ? 1_555 CO ? G NCO . ? B NCO 101 ? 1_555 N1 ? G NCO . ? B NCO 101 ? 1_555 88.2  ? 
20 N7 ? B DG  6 ? B DG  12  ? 1_555 CO ? G NCO . ? B NCO 101 ? 1_555 N4 ? G NCO . ? B NCO 101 ? 1_555 88.3  ? 
21 N1 ? G NCO . ? B NCO 101 ? 1_555 CO ? G NCO . ? B NCO 101 ? 1_555 N4 ? G NCO . ? B NCO 101 ? 1_555 176.0 ? 
22 N7 ? B DG  6 ? B DG  12  ? 1_555 CO ? G NCO . ? B NCO 101 ? 1_555 N5 ? G NCO . ? B NCO 101 ? 1_555 91.9  ? 
23 N1 ? G NCO . ? B NCO 101 ? 1_555 CO ? G NCO . ? B NCO 101 ? 1_555 N5 ? G NCO . ? B NCO 101 ? 1_555 86.3  ? 
24 N4 ? G NCO . ? B NCO 101 ? 1_555 CO ? G NCO . ? B NCO 101 ? 1_555 N5 ? G NCO . ? B NCO 101 ? 1_555 91.7  ? 
25 N7 ? B DG  6 ? B DG  12  ? 1_555 CO ? G NCO . ? B NCO 101 ? 1_555 N6 ? G NCO . ? B NCO 101 ? 1_555 87.1  ? 
26 N1 ? G NCO . ? B NCO 101 ? 1_555 CO ? G NCO . ? B NCO 101 ? 1_555 N6 ? G NCO . ? B NCO 101 ? 1_555 90.7  ? 
27 N4 ? G NCO . ? B NCO 101 ? 1_555 CO ? G NCO . ? B NCO 101 ? 1_555 N6 ? G NCO . ? B NCO 101 ? 1_555 91.3  ? 
28 N5 ? G NCO . ? B NCO 101 ? 1_555 CO ? G NCO . ? B NCO 101 ? 1_555 N6 ? G NCO . ? B NCO 101 ? 1_555 176.8 ? 
# 
loop_
_struct_site.id 
_struct_site.pdbx_evidence_code 
_struct_site.pdbx_auth_asym_id 
_struct_site.pdbx_auth_comp_id 
_struct_site.pdbx_auth_seq_id 
_struct_site.pdbx_auth_ins_code 
_struct_site.pdbx_num_residues 
_struct_site.details 
AC1 Software A VAR 101 ? 9 'BINDING SITE FOR RESIDUE VAR A 101' 
AC2 Software A VAR 102 ? 8 'BINDING SITE FOR RESIDUE VAR A 102' 
AC3 Software A NCO 103 ? 4 'BINDING SITE FOR RESIDUE NCO A 103' 
AC4 Software A CO  104 ? 4 'BINDING SITE FOR RESIDUE CO A 104'  
AC5 Software B NCO 101 ? 8 'BINDING SITE FOR RESIDUE NCO B 101' 
AC6 Software B NCO 102 ? 5 'BINDING SITE FOR RESIDUE NCO B 102' 
AC7 Software B NA  103 ? 4 'BINDING SITE FOR RESIDUE NA B 103'  
# 
loop_
_struct_site_gen.id 
_struct_site_gen.site_id 
_struct_site_gen.pdbx_num_res 
_struct_site_gen.label_comp_id 
_struct_site_gen.label_asym_id 
_struct_site_gen.label_seq_id 
_struct_site_gen.pdbx_auth_ins_code 
_struct_site_gen.auth_comp_id 
_struct_site_gen.auth_asym_id 
_struct_site_gen.auth_seq_id 
_struct_site_gen.label_atom_id 
_struct_site_gen.label_alt_id 
_struct_site_gen.symmetry 
_struct_site_gen.details 
1  AC1 9 DC  A 5 ? DC  A 5   . ? 1_555 ? 
2  AC1 9 DG  A 6 ? DG  A 6   . ? 1_555 ? 
3  AC1 9 VAR D . ? VAR A 102 . ? 2_655 ? 
4  AC1 9 VAR D . ? VAR A 102 . ? 1_555 ? 
5  AC1 9 HOH J . ? HOH A 207 . ? 1_555 ? 
6  AC1 9 DC  B 1 ? DC  B 7   . ? 3_655 ? 
7  AC1 9 DG  B 2 ? DG  B 8   . ? 1_555 ? 
8  AC1 9 DG  B 2 ? DG  B 8   . ? 2_655 ? 
9  AC1 9 NCO H . ? NCO B 102 . ? 1_555 ? 
10 AC2 8 DC  A 5 ? DC  A 5   . ? 1_555 ? 
11 AC2 8 DG  A 6 ? DG  A 6   . ? 1_555 ? 
12 AC2 8 VAR C . ? VAR A 101 . ? 2_655 ? 
13 AC2 8 VAR C . ? VAR A 101 . ? 1_555 ? 
14 AC2 8 DC  B 1 ? DC  B 7   . ? 3_655 ? 
15 AC2 8 DG  B 2 ? DG  B 8   . ? 1_555 ? 
16 AC2 8 DG  B 2 ? DG  B 8   . ? 2_655 ? 
17 AC2 8 NCO H . ? NCO B 102 . ? 1_555 ? 
18 AC3 4 DG  A 2 ? DG  A 2   . ? 1_555 ? 
19 AC3 4 DT  A 3 ? DT  A 3   . ? 1_555 ? 
20 AC3 4 HOH J . ? HOH A 205 . ? 1_555 ? 
21 AC3 4 DC  B 5 ? DC  B 11  . ? 6_545 ? 
22 AC4 4 DG  A 6 ? DG  A 6   . ? 3_654 ? 
23 AC4 4 DG  A 6 ? DG  A 6   . ? 2_655 ? 
24 AC4 4 DG  A 6 ? DG  A 6   . ? 4_554 ? 
25 AC4 4 DG  A 6 ? DG  A 6   . ? 1_555 ? 
26 AC5 8 DA  A 4 ? DA  A 4   . ? 6_545 ? 
27 AC5 8 DA  A 4 ? DA  A 4   . ? 8_444 ? 
28 AC5 8 HOH J . ? HOH A 211 . ? 3_654 ? 
29 AC5 8 HOH J . ? HOH A 211 . ? 1_455 ? 
30 AC5 8 DG  B 6 ? DG  B 12  . ? 1_555 ? 
31 AC5 8 DG  B 6 ? DG  B 12  . ? 3_554 ? 
32 AC5 8 HOH K . ? HOH B 202 . ? 1_555 ? 
33 AC5 8 HOH K . ? HOH B 202 . ? 3_554 ? 
34 AC6 5 VAR C . ? VAR A 101 . ? 1_555 ? 
35 AC6 5 VAR D . ? VAR A 102 . ? 1_555 ? 
36 AC6 5 DC  B 1 ? DC  B 7   . ? 3_655 ? 
37 AC6 5 DG  B 2 ? DG  B 8   . ? 1_555 ? 
38 AC6 5 HOH K . ? HOH B 210 . ? 1_555 ? 
39 AC7 4 DG  B 2 ? DG  B 8   . ? 1_555 ? 
40 AC7 4 DG  B 2 ? DG  B 8   . ? 4_555 ? 
41 AC7 4 DG  B 2 ? DG  B 8   . ? 3_655 ? 
42 AC7 4 DG  B 2 ? DG  B 8   . ? 2_655 ? 
# 
_pdbx_validate_close_contact.id               1 
_pdbx_validate_close_contact.PDB_model_num    1 
_pdbx_validate_close_contact.auth_atom_id_1   "O5'" 
_pdbx_validate_close_contact.auth_asym_id_1   A 
_pdbx_validate_close_contact.auth_comp_id_1   DG 
_pdbx_validate_close_contact.auth_seq_id_1    6 
_pdbx_validate_close_contact.PDB_ins_code_1   ? 
_pdbx_validate_close_contact.label_alt_id_1   ? 
_pdbx_validate_close_contact.auth_atom_id_2   N3 
_pdbx_validate_close_contact.auth_asym_id_2   A 
_pdbx_validate_close_contact.auth_comp_id_2   VAR 
_pdbx_validate_close_contact.auth_seq_id_2    102 
_pdbx_validate_close_contact.PDB_ins_code_2   ? 
_pdbx_validate_close_contact.label_alt_id_2   ? 
_pdbx_validate_close_contact.dist             2.17 
# 
_pdbx_validate_rmsd_angle.id                         1 
_pdbx_validate_rmsd_angle.PDB_model_num              1 
_pdbx_validate_rmsd_angle.auth_atom_id_1             "O5'" 
_pdbx_validate_rmsd_angle.auth_asym_id_1             A 
_pdbx_validate_rmsd_angle.auth_comp_id_1             DG 
_pdbx_validate_rmsd_angle.auth_seq_id_1              6 
_pdbx_validate_rmsd_angle.PDB_ins_code_1             ? 
_pdbx_validate_rmsd_angle.label_alt_id_1             ? 
_pdbx_validate_rmsd_angle.auth_atom_id_2             P 
_pdbx_validate_rmsd_angle.auth_asym_id_2             A 
_pdbx_validate_rmsd_angle.auth_comp_id_2             DG 
_pdbx_validate_rmsd_angle.auth_seq_id_2              6 
_pdbx_validate_rmsd_angle.PDB_ins_code_2             ? 
_pdbx_validate_rmsd_angle.label_alt_id_2             ? 
_pdbx_validate_rmsd_angle.auth_atom_id_3             OP2 
_pdbx_validate_rmsd_angle.auth_asym_id_3             A 
_pdbx_validate_rmsd_angle.auth_comp_id_3             DG 
_pdbx_validate_rmsd_angle.auth_seq_id_3              6 
_pdbx_validate_rmsd_angle.PDB_ins_code_3             ? 
_pdbx_validate_rmsd_angle.label_alt_id_3             ? 
_pdbx_validate_rmsd_angle.angle_value                94.04 
_pdbx_validate_rmsd_angle.angle_target_value         105.70 
_pdbx_validate_rmsd_angle.angle_deviation            -11.66 
_pdbx_validate_rmsd_angle.angle_standard_deviation   0.90 
_pdbx_validate_rmsd_angle.linker_flag                N 
# 
loop_
_pdbx_struct_special_symmetry.id 
_pdbx_struct_special_symmetry.PDB_model_num 
_pdbx_struct_special_symmetry.auth_asym_id 
_pdbx_struct_special_symmetry.auth_comp_id 
_pdbx_struct_special_symmetry.auth_seq_id 
_pdbx_struct_special_symmetry.PDB_ins_code 
_pdbx_struct_special_symmetry.label_asym_id 
_pdbx_struct_special_symmetry.label_comp_id 
_pdbx_struct_special_symmetry.label_seq_id 
1 1 A CO  104 ? F CO  . 
2 1 B NCO 101 ? G NCO . 
3 1 B NA  103 ? I NA  . 
4 1 B HOH 209 ? K HOH . 
# 
_pdbx_unobs_or_zero_occ_residues.id               1 
_pdbx_unobs_or_zero_occ_residues.PDB_model_num    1 
_pdbx_unobs_or_zero_occ_residues.polymer_flag     Y 
_pdbx_unobs_or_zero_occ_residues.occupancy_flag   1 
_pdbx_unobs_or_zero_occ_residues.auth_asym_id     A 
_pdbx_unobs_or_zero_occ_residues.auth_comp_id     DC 
_pdbx_unobs_or_zero_occ_residues.auth_seq_id      1 
_pdbx_unobs_or_zero_occ_residues.PDB_ins_code     ? 
_pdbx_unobs_or_zero_occ_residues.label_asym_id    A 
_pdbx_unobs_or_zero_occ_residues.label_comp_id    DC 
_pdbx_unobs_or_zero_occ_residues.label_seq_id     1 
# 
loop_
_chem_comp_atom.comp_id 
_chem_comp_atom.atom_id 
_chem_comp_atom.type_symbol 
_chem_comp_atom.pdbx_aromatic_flag 
_chem_comp_atom.pdbx_stereo_config 
_chem_comp_atom.pdbx_ordinal 
CO  CO     CO N N 1   
DA  OP3    O  N N 2   
DA  P      P  N N 3   
DA  OP1    O  N N 4   
DA  OP2    O  N N 5   
DA  "O5'"  O  N N 6   
DA  "C5'"  C  N N 7   
DA  "C4'"  C  N R 8   
DA  "O4'"  O  N N 9   
DA  "C3'"  C  N S 10  
DA  "O3'"  O  N N 11  
DA  "C2'"  C  N N 12  
DA  "C1'"  C  N R 13  
DA  N9     N  Y N 14  
DA  C8     C  Y N 15  
DA  N7     N  Y N 16  
DA  C5     C  Y N 17  
DA  C6     C  Y N 18  
DA  N6     N  N N 19  
DA  N1     N  Y N 20  
DA  C2     C  Y N 21  
DA  N3     N  Y N 22  
DA  C4     C  Y N 23  
DA  HOP3   H  N N 24  
DA  HOP2   H  N N 25  
DA  "H5'"  H  N N 26  
DA  "H5''" H  N N 27  
DA  "H4'"  H  N N 28  
DA  "H3'"  H  N N 29  
DA  "HO3'" H  N N 30  
DA  "H2'"  H  N N 31  
DA  "H2''" H  N N 32  
DA  "H1'"  H  N N 33  
DA  H8     H  N N 34  
DA  H61    H  N N 35  
DA  H62    H  N N 36  
DA  H2     H  N N 37  
DC  OP3    O  N N 38  
DC  P      P  N N 39  
DC  OP1    O  N N 40  
DC  OP2    O  N N 41  
DC  "O5'"  O  N N 42  
DC  "C5'"  C  N N 43  
DC  "C4'"  C  N R 44  
DC  "O4'"  O  N N 45  
DC  "C3'"  C  N S 46  
DC  "O3'"  O  N N 47  
DC  "C2'"  C  N N 48  
DC  "C1'"  C  N R 49  
DC  N1     N  N N 50  
DC  C2     C  N N 51  
DC  O2     O  N N 52  
DC  N3     N  N N 53  
DC  C4     C  N N 54  
DC  N4     N  N N 55  
DC  C5     C  N N 56  
DC  C6     C  N N 57  
DC  HOP3   H  N N 58  
DC  HOP2   H  N N 59  
DC  "H5'"  H  N N 60  
DC  "H5''" H  N N 61  
DC  "H4'"  H  N N 62  
DC  "H3'"  H  N N 63  
DC  "HO3'" H  N N 64  
DC  "H2'"  H  N N 65  
DC  "H2''" H  N N 66  
DC  "H1'"  H  N N 67  
DC  H41    H  N N 68  
DC  H42    H  N N 69  
DC  H5     H  N N 70  
DC  H6     H  N N 71  
DG  OP3    O  N N 72  
DG  P      P  N N 73  
DG  OP1    O  N N 74  
DG  OP2    O  N N 75  
DG  "O5'"  O  N N 76  
DG  "C5'"  C  N N 77  
DG  "C4'"  C  N R 78  
DG  "O4'"  O  N N 79  
DG  "C3'"  C  N S 80  
DG  "O3'"  O  N N 81  
DG  "C2'"  C  N N 82  
DG  "C1'"  C  N R 83  
DG  N9     N  Y N 84  
DG  C8     C  Y N 85  
DG  N7     N  Y N 86  
DG  C5     C  Y N 87  
DG  C6     C  N N 88  
DG  O6     O  N N 89  
DG  N1     N  N N 90  
DG  C2     C  N N 91  
DG  N2     N  N N 92  
DG  N3     N  N N 93  
DG  C4     C  Y N 94  
DG  HOP3   H  N N 95  
DG  HOP2   H  N N 96  
DG  "H5'"  H  N N 97  
DG  "H5''" H  N N 98  
DG  "H4'"  H  N N 99  
DG  "H3'"  H  N N 100 
DG  "HO3'" H  N N 101 
DG  "H2'"  H  N N 102 
DG  "H2''" H  N N 103 
DG  "H1'"  H  N N 104 
DG  H8     H  N N 105 
DG  H1     H  N N 106 
DG  H21    H  N N 107 
DG  H22    H  N N 108 
DT  OP3    O  N N 109 
DT  P      P  N N 110 
DT  OP1    O  N N 111 
DT  OP2    O  N N 112 
DT  "O5'"  O  N N 113 
DT  "C5'"  C  N N 114 
DT  "C4'"  C  N R 115 
DT  "O4'"  O  N N 116 
DT  "C3'"  C  N S 117 
DT  "O3'"  O  N N 118 
DT  "C2'"  C  N N 119 
DT  "C1'"  C  N R 120 
DT  N1     N  N N 121 
DT  C2     C  N N 122 
DT  O2     O  N N 123 
DT  N3     N  N N 124 
DT  C4     C  N N 125 
DT  O4     O  N N 126 
DT  C5     C  N N 127 
DT  C7     C  N N 128 
DT  C6     C  N N 129 
DT  HOP3   H  N N 130 
DT  HOP2   H  N N 131 
DT  "H5'"  H  N N 132 
DT  "H5''" H  N N 133 
DT  "H4'"  H  N N 134 
DT  "H3'"  H  N N 135 
DT  "HO3'" H  N N 136 
DT  "H2'"  H  N N 137 
DT  "H2''" H  N N 138 
DT  "H1'"  H  N N 139 
DT  H3     H  N N 140 
DT  H71    H  N N 141 
DT  H72    H  N N 142 
DT  H73    H  N N 143 
DT  H6     H  N N 144 
HOH O      O  N N 145 
HOH H1     H  N N 146 
HOH H2     H  N N 147 
NA  NA     NA N N 148 
NCO CO     CO N N 149 
NCO N1     N  N N 150 
NCO N2     N  N N 151 
NCO N3     N  N N 152 
NCO N4     N  N N 153 
NCO N5     N  N N 154 
NCO N6     N  N N 155 
NCO HN11   H  N N 156 
NCO HN12   H  N N 157 
NCO HN13   H  N N 158 
NCO HN21   H  N N 159 
NCO HN22   H  N N 160 
NCO HN23   H  N N 161 
NCO HN31   H  N N 162 
NCO HN32   H  N N 163 
NCO HN33   H  N N 164 
NCO HN41   H  N N 165 
NCO HN42   H  N N 166 
NCO HN43   H  N N 167 
NCO HN51   H  N N 168 
NCO HN52   H  N N 169 
NCO HN53   H  N N 170 
NCO HN61   H  N N 171 
NCO HN62   H  N N 172 
NCO HN63   H  N N 173 
VAR O1     O  N N 174 
VAR C1     C  Y N 175 
VAR C2     C  Y N 176 
VAR C3     C  Y N 177 
VAR N1     N  Y N 178 
VAR C4     C  Y N 179 
VAR N2     N  Y N 180 
VAR C5     C  Y N 181 
VAR N3     N  N N 182 
VAR N4     N  Y N 183 
VAR C6     C  Y N 184 
VAR C7     C  Y N 185 
VAR C8     C  Y N 186 
VAR C9     C  Y N 187 
VAR C10    C  Y N 188 
VAR C11    C  Y N 189 
VAR C14    C  Y N 190 
VAR C13    C  Y N 191 
VAR N7     N  Y N 192 
VAR C12    C  Y N 193 
VAR N5     N  Y N 194 
VAR N6     N  N N 195 
VAR HO1    H  N N 196 
VAR H2     H  N N 197 
VAR H3     H  N N 198 
VAR HN3    H  N N 199 
VAR HN3A   H  N N 200 
VAR H6     H  N N 201 
VAR H7     H  N N 202 
VAR H14    H  N N 203 
VAR H13    H  N N 204 
VAR HN6    H  N N 205 
VAR HN6A   H  N N 206 
# 
loop_
_chem_comp_bond.comp_id 
_chem_comp_bond.atom_id_1 
_chem_comp_bond.atom_id_2 
_chem_comp_bond.value_order 
_chem_comp_bond.pdbx_aromatic_flag 
_chem_comp_bond.pdbx_stereo_config 
_chem_comp_bond.pdbx_ordinal 
DA  OP3   P      sing N N 1   
DA  OP3   HOP3   sing N N 2   
DA  P     OP1    doub N N 3   
DA  P     OP2    sing N N 4   
DA  P     "O5'"  sing N N 5   
DA  OP2   HOP2   sing N N 6   
DA  "O5'" "C5'"  sing N N 7   
DA  "C5'" "C4'"  sing N N 8   
DA  "C5'" "H5'"  sing N N 9   
DA  "C5'" "H5''" sing N N 10  
DA  "C4'" "O4'"  sing N N 11  
DA  "C4'" "C3'"  sing N N 12  
DA  "C4'" "H4'"  sing N N 13  
DA  "O4'" "C1'"  sing N N 14  
DA  "C3'" "O3'"  sing N N 15  
DA  "C3'" "C2'"  sing N N 16  
DA  "C3'" "H3'"  sing N N 17  
DA  "O3'" "HO3'" sing N N 18  
DA  "C2'" "C1'"  sing N N 19  
DA  "C2'" "H2'"  sing N N 20  
DA  "C2'" "H2''" sing N N 21  
DA  "C1'" N9     sing N N 22  
DA  "C1'" "H1'"  sing N N 23  
DA  N9    C8     sing Y N 24  
DA  N9    C4     sing Y N 25  
DA  C8    N7     doub Y N 26  
DA  C8    H8     sing N N 27  
DA  N7    C5     sing Y N 28  
DA  C5    C6     sing Y N 29  
DA  C5    C4     doub Y N 30  
DA  C6    N6     sing N N 31  
DA  C6    N1     doub Y N 32  
DA  N6    H61    sing N N 33  
DA  N6    H62    sing N N 34  
DA  N1    C2     sing Y N 35  
DA  C2    N3     doub Y N 36  
DA  C2    H2     sing N N 37  
DA  N3    C4     sing Y N 38  
DC  OP3   P      sing N N 39  
DC  OP3   HOP3   sing N N 40  
DC  P     OP1    doub N N 41  
DC  P     OP2    sing N N 42  
DC  P     "O5'"  sing N N 43  
DC  OP2   HOP2   sing N N 44  
DC  "O5'" "C5'"  sing N N 45  
DC  "C5'" "C4'"  sing N N 46  
DC  "C5'" "H5'"  sing N N 47  
DC  "C5'" "H5''" sing N N 48  
DC  "C4'" "O4'"  sing N N 49  
DC  "C4'" "C3'"  sing N N 50  
DC  "C4'" "H4'"  sing N N 51  
DC  "O4'" "C1'"  sing N N 52  
DC  "C3'" "O3'"  sing N N 53  
DC  "C3'" "C2'"  sing N N 54  
DC  "C3'" "H3'"  sing N N 55  
DC  "O3'" "HO3'" sing N N 56  
DC  "C2'" "C1'"  sing N N 57  
DC  "C2'" "H2'"  sing N N 58  
DC  "C2'" "H2''" sing N N 59  
DC  "C1'" N1     sing N N 60  
DC  "C1'" "H1'"  sing N N 61  
DC  N1    C2     sing N N 62  
DC  N1    C6     sing N N 63  
DC  C2    O2     doub N N 64  
DC  C2    N3     sing N N 65  
DC  N3    C4     doub N N 66  
DC  C4    N4     sing N N 67  
DC  C4    C5     sing N N 68  
DC  N4    H41    sing N N 69  
DC  N4    H42    sing N N 70  
DC  C5    C6     doub N N 71  
DC  C5    H5     sing N N 72  
DC  C6    H6     sing N N 73  
DG  OP3   P      sing N N 74  
DG  OP3   HOP3   sing N N 75  
DG  P     OP1    doub N N 76  
DG  P     OP2    sing N N 77  
DG  P     "O5'"  sing N N 78  
DG  OP2   HOP2   sing N N 79  
DG  "O5'" "C5'"  sing N N 80  
DG  "C5'" "C4'"  sing N N 81  
DG  "C5'" "H5'"  sing N N 82  
DG  "C5'" "H5''" sing N N 83  
DG  "C4'" "O4'"  sing N N 84  
DG  "C4'" "C3'"  sing N N 85  
DG  "C4'" "H4'"  sing N N 86  
DG  "O4'" "C1'"  sing N N 87  
DG  "C3'" "O3'"  sing N N 88  
DG  "C3'" "C2'"  sing N N 89  
DG  "C3'" "H3'"  sing N N 90  
DG  "O3'" "HO3'" sing N N 91  
DG  "C2'" "C1'"  sing N N 92  
DG  "C2'" "H2'"  sing N N 93  
DG  "C2'" "H2''" sing N N 94  
DG  "C1'" N9     sing N N 95  
DG  "C1'" "H1'"  sing N N 96  
DG  N9    C8     sing Y N 97  
DG  N9    C4     sing Y N 98  
DG  C8    N7     doub Y N 99  
DG  C8    H8     sing N N 100 
DG  N7    C5     sing Y N 101 
DG  C5    C6     sing N N 102 
DG  C5    C4     doub Y N 103 
DG  C6    O6     doub N N 104 
DG  C6    N1     sing N N 105 
DG  N1    C2     sing N N 106 
DG  N1    H1     sing N N 107 
DG  C2    N2     sing N N 108 
DG  C2    N3     doub N N 109 
DG  N2    H21    sing N N 110 
DG  N2    H22    sing N N 111 
DG  N3    C4     sing N N 112 
DT  OP3   P      sing N N 113 
DT  OP3   HOP3   sing N N 114 
DT  P     OP1    doub N N 115 
DT  P     OP2    sing N N 116 
DT  P     "O5'"  sing N N 117 
DT  OP2   HOP2   sing N N 118 
DT  "O5'" "C5'"  sing N N 119 
DT  "C5'" "C4'"  sing N N 120 
DT  "C5'" "H5'"  sing N N 121 
DT  "C5'" "H5''" sing N N 122 
DT  "C4'" "O4'"  sing N N 123 
DT  "C4'" "C3'"  sing N N 124 
DT  "C4'" "H4'"  sing N N 125 
DT  "O4'" "C1'"  sing N N 126 
DT  "C3'" "O3'"  sing N N 127 
DT  "C3'" "C2'"  sing N N 128 
DT  "C3'" "H3'"  sing N N 129 
DT  "O3'" "HO3'" sing N N 130 
DT  "C2'" "C1'"  sing N N 131 
DT  "C2'" "H2'"  sing N N 132 
DT  "C2'" "H2''" sing N N 133 
DT  "C1'" N1     sing N N 134 
DT  "C1'" "H1'"  sing N N 135 
DT  N1    C2     sing N N 136 
DT  N1    C6     sing N N 137 
DT  C2    O2     doub N N 138 
DT  C2    N3     sing N N 139 
DT  N3    C4     sing N N 140 
DT  N3    H3     sing N N 141 
DT  C4    O4     doub N N 142 
DT  C4    C5     sing N N 143 
DT  C5    C7     sing N N 144 
DT  C5    C6     doub N N 145 
DT  C7    H71    sing N N 146 
DT  C7    H72    sing N N 147 
DT  C7    H73    sing N N 148 
DT  C6    H6     sing N N 149 
HOH O     H1     sing N N 150 
HOH O     H2     sing N N 151 
NCO CO    N1     sing N N 152 
NCO CO    N2     sing N N 153 
NCO CO    N3     sing N N 154 
NCO CO    N4     sing N N 155 
NCO CO    N5     sing N N 156 
NCO CO    N6     sing N N 157 
NCO N1    HN11   sing N N 158 
NCO N1    HN12   sing N N 159 
NCO N1    HN13   sing N N 160 
NCO N2    HN21   sing N N 161 
NCO N2    HN22   sing N N 162 
NCO N2    HN23   sing N N 163 
NCO N3    HN31   sing N N 164 
NCO N3    HN32   sing N N 165 
NCO N3    HN33   sing N N 166 
NCO N4    HN41   sing N N 167 
NCO N4    HN42   sing N N 168 
NCO N4    HN43   sing N N 169 
NCO N5    HN51   sing N N 170 
NCO N5    HN52   sing N N 171 
NCO N5    HN53   sing N N 172 
NCO N6    HN61   sing N N 173 
NCO N6    HN62   sing N N 174 
NCO N6    HN63   sing N N 175 
VAR O1    C1     sing N N 176 
VAR C1    C2     sing Y N 177 
VAR C1    C10    doub Y N 178 
VAR C2    C3     doub Y N 179 
VAR C3    N1     sing Y N 180 
VAR N1    C4     doub Y N 181 
VAR C4    N2     sing Y N 182 
VAR C4    C10    sing Y N 183 
VAR N2    C5     sing Y N 184 
VAR N2    C8     sing Y N 185 
VAR C5    N3     sing N N 186 
VAR C5    N4     doub Y N 187 
VAR N4    C6     sing Y N 188 
VAR C6    C7     doub Y N 189 
VAR C7    C8     sing Y N 190 
VAR C8    C9     doub Y N 191 
VAR C9    C10    sing Y N 192 
VAR C9    C11    sing Y N 193 
VAR C11   C14    sing Y N 194 
VAR C11   N5     doub Y N 195 
VAR C14   C13    doub Y N 196 
VAR C13   N7     sing Y N 197 
VAR N7    C12    doub Y N 198 
VAR C12   N5     sing Y N 199 
VAR C12   N6     sing N N 200 
VAR O1    HO1    sing N N 201 
VAR C2    H2     sing N N 202 
VAR C3    H3     sing N N 203 
VAR N3    HN3    sing N N 204 
VAR N3    HN3A   sing N N 205 
VAR C6    H6     sing N N 206 
VAR C7    H7     sing N N 207 
VAR C14   H14    sing N N 208 
VAR C13   H13    sing N N 209 
VAR N6    HN6    sing N N 210 
VAR N6    HN6A   sing N N 211 
# 
loop_
_ndb_struct_conf_na.entry_id 
_ndb_struct_conf_na.feature 
4MNB 'double helix'        
4MNB 'b-form double helix' 
# 
loop_
_ndb_struct_na_base_pair.model_number 
_ndb_struct_na_base_pair.i_label_asym_id 
_ndb_struct_na_base_pair.i_label_comp_id 
_ndb_struct_na_base_pair.i_label_seq_id 
_ndb_struct_na_base_pair.i_symmetry 
_ndb_struct_na_base_pair.j_label_asym_id 
_ndb_struct_na_base_pair.j_label_comp_id 
_ndb_struct_na_base_pair.j_label_seq_id 
_ndb_struct_na_base_pair.j_symmetry 
_ndb_struct_na_base_pair.shear 
_ndb_struct_na_base_pair.stretch 
_ndb_struct_na_base_pair.stagger 
_ndb_struct_na_base_pair.buckle 
_ndb_struct_na_base_pair.propeller 
_ndb_struct_na_base_pair.opening 
_ndb_struct_na_base_pair.pair_number 
_ndb_struct_na_base_pair.pair_name 
_ndb_struct_na_base_pair.i_auth_asym_id 
_ndb_struct_na_base_pair.i_auth_seq_id 
_ndb_struct_na_base_pair.i_PDB_ins_code 
_ndb_struct_na_base_pair.j_auth_asym_id 
_ndb_struct_na_base_pair.j_auth_seq_id 
_ndb_struct_na_base_pair.j_PDB_ins_code 
_ndb_struct_na_base_pair.hbond_type_28 
_ndb_struct_na_base_pair.hbond_type_12 
1 A DG 2 1_555 B DC 5 1_555 -0.388 -0.124 -0.154 -10.245 7.043  2.152  1 A_DG2:DC11_B A 2 ? B 11 ? 19 1 
1 A DT 3 1_555 B DA 4 1_555 0.100  -0.088 0.159  0.327   -0.012 2.304  2 A_DT3:DA10_B A 3 ? B 10 ? 20 1 
1 A DA 4 1_555 B DT 3 1_555 0.154  -0.006 -0.191 -0.975  -0.355 -4.255 3 A_DA4:DT9_B  A 4 ? B 9  ? 20 1 
1 A DC 5 1_555 B DG 2 1_555 0.377  -0.104 0.021  16.860  -3.761 1.708  4 A_DC5:DG8_B  A 5 ? B 8  ? 19 1 
# 
loop_
_ndb_struct_na_base_pair_step.model_number 
_ndb_struct_na_base_pair_step.i_label_asym_id_1 
_ndb_struct_na_base_pair_step.i_label_comp_id_1 
_ndb_struct_na_base_pair_step.i_label_seq_id_1 
_ndb_struct_na_base_pair_step.i_symmetry_1 
_ndb_struct_na_base_pair_step.j_label_asym_id_1 
_ndb_struct_na_base_pair_step.j_label_comp_id_1 
_ndb_struct_na_base_pair_step.j_label_seq_id_1 
_ndb_struct_na_base_pair_step.j_symmetry_1 
_ndb_struct_na_base_pair_step.i_label_asym_id_2 
_ndb_struct_na_base_pair_step.i_label_comp_id_2 
_ndb_struct_na_base_pair_step.i_label_seq_id_2 
_ndb_struct_na_base_pair_step.i_symmetry_2 
_ndb_struct_na_base_pair_step.j_label_asym_id_2 
_ndb_struct_na_base_pair_step.j_label_comp_id_2 
_ndb_struct_na_base_pair_step.j_label_seq_id_2 
_ndb_struct_na_base_pair_step.j_symmetry_2 
_ndb_struct_na_base_pair_step.shift 
_ndb_struct_na_base_pair_step.slide 
_ndb_struct_na_base_pair_step.rise 
_ndb_struct_na_base_pair_step.tilt 
_ndb_struct_na_base_pair_step.roll 
_ndb_struct_na_base_pair_step.twist 
_ndb_struct_na_base_pair_step.x_displacement 
_ndb_struct_na_base_pair_step.y_displacement 
_ndb_struct_na_base_pair_step.helical_rise 
_ndb_struct_na_base_pair_step.inclination 
_ndb_struct_na_base_pair_step.tip 
_ndb_struct_na_base_pair_step.helical_twist 
_ndb_struct_na_base_pair_step.step_number 
_ndb_struct_na_base_pair_step.step_name 
_ndb_struct_na_base_pair_step.i_auth_asym_id_1 
_ndb_struct_na_base_pair_step.i_auth_seq_id_1 
_ndb_struct_na_base_pair_step.i_PDB_ins_code_1 
_ndb_struct_na_base_pair_step.j_auth_asym_id_1 
_ndb_struct_na_base_pair_step.j_auth_seq_id_1 
_ndb_struct_na_base_pair_step.j_PDB_ins_code_1 
_ndb_struct_na_base_pair_step.i_auth_asym_id_2 
_ndb_struct_na_base_pair_step.i_auth_seq_id_2 
_ndb_struct_na_base_pair_step.i_PDB_ins_code_2 
_ndb_struct_na_base_pair_step.j_auth_asym_id_2 
_ndb_struct_na_base_pair_step.j_auth_seq_id_2 
_ndb_struct_na_base_pair_step.j_PDB_ins_code_2 
1 A DG 2 1_555 B DC 5 1_555 A DT 3 1_555 B DA 4 1_555 -0.030 -0.276 3.123 -2.496 3.613 26.481 -1.479 -0.546 3.048 7.819  5.402  
26.836 1 AA_DG2DT3:DA10DC11_BB A 2 ? B 11 ? A 3 ? B 10 ? 
1 A DT 3 1_555 B DA 4 1_555 A DA 4 1_555 B DT 3 1_555 -0.104 -0.599 3.291 3.424  1.708 37.880 -1.135 0.594  3.240 2.623  -5.258 
38.066 2 AA_DT3DA4:DT9DA10_BB  A 3 ? B 10 ? A 4 ? B 9  ? 
1 A DA 4 1_555 B DT 3 1_555 A DC 5 1_555 B DG 2 1_555 0.919  -0.708 2.968 -3.646 5.612 26.813 -2.669 -2.695 2.623 11.870 7.710  
27.621 3 AA_DA4DC5:DG8DT9_BB   A 4 ? B 9  ? A 5 ? B 8  ? 
# 
_atom_sites.entry_id                    4MNB 
_atom_sites.fract_transf_matrix[1][1]   0.01448283 
_atom_sites.fract_transf_matrix[1][2]   0.01251824 
_atom_sites.fract_transf_matrix[1][3]   -0.02911316 
_atom_sites.fract_transf_matrix[2][1]   -0.01662198 
_atom_sites.fract_transf_matrix[2][2]   0.00675546 
_atom_sites.fract_transf_matrix[2][3]   -0.00536413 
_atom_sites.fract_transf_matrix[3][1]   0.00486527 
_atom_sites.fract_transf_matrix[3][2]   0.02109558 
_atom_sites.fract_transf_matrix[3][3]   0.01149111 
_atom_sites.fract_transf_vector[1]      0.418695 
_atom_sites.fract_transf_vector[2]      -0.135815 
_atom_sites.fract_transf_vector[3]      -0.257898 
# 
loop_
_atom_type.symbol 
C  
CO 
N  
NA 
O  
P  
# 
loop_
_atom_site.group_PDB 
_atom_site.id 
_atom_site.type_symbol 
_atom_site.label_atom_id 
_atom_site.label_alt_id 
_atom_site.label_comp_id 
_atom_site.label_asym_id 
_atom_site.label_entity_id 
_atom_site.label_seq_id 
_atom_site.pdbx_PDB_ins_code 
_atom_site.Cartn_x 
_atom_site.Cartn_y 
_atom_site.Cartn_z 
_atom_site.occupancy 
_atom_site.B_iso_or_equiv 
_atom_site.pdbx_formal_charge 
_atom_site.auth_seq_id 
_atom_site.auth_comp_id 
_atom_site.auth_asym_id 
_atom_site.auth_atom_id 
_atom_site.pdbx_PDB_model_num 
ATOM   1   P  P     . DG  A 1 2 ? 11.671  0.883   4.184   1.00 32.32 ? 2   DG  A P     1 
ATOM   2   O  OP1   . DG  A 1 2 ? 11.361  0.302   5.517   1.00 30.18 ? 2   DG  A OP1   1 
ATOM   3   O  OP2   . DG  A 1 2 ? 10.766  1.949   3.724   1.00 38.27 ? 2   DG  A OP2   1 
ATOM   4   O  "O5'" . DG  A 1 2 ? 11.438  -0.230  3.082   1.00 28.84 ? 2   DG  A "O5'" 1 
ATOM   5   C  "C5'" . DG  A 1 2 ? 12.029  -1.511  3.150   1.00 23.71 ? 2   DG  A "C5'" 1 
ATOM   6   C  "C4'" . DG  A 1 2 ? 11.388  -2.355  2.081   1.00 22.66 ? 2   DG  A "C4'" 1 
ATOM   7   O  "O4'" . DG  A 1 2 ? 10.082  -2.780  2.522   1.00 21.10 ? 2   DG  A "O4'" 1 
ATOM   8   C  "C3'" . DG  A 1 2 ? 11.174  -1.702  0.726   1.00 21.02 ? 2   DG  A "C3'" 1 
ATOM   9   O  "O3'" . DG  A 1 2 ? 11.450  -2.767  -0.177  1.00 24.04 ? 2   DG  A "O3'" 1 
ATOM   10  C  "C2'" . DG  A 1 2 ? 9.708   -1.279  0.738   1.00 17.79 ? 2   DG  A "C2'" 1 
ATOM   11  C  "C1'" . DG  A 1 2 ? 9.060   -2.332  1.603   1.00 15.30 ? 2   DG  A "C1'" 1 
ATOM   12  N  N9    . DG  A 1 2 ? 7.937   -1.885  2.415   1.00 14.82 ? 2   DG  A N9    1 
ATOM   13  C  C8    . DG  A 1 2 ? 8.016   -0.845  3.291   1.00 13.87 ? 2   DG  A C8    1 
ATOM   14  N  N7    . DG  A 1 2 ? 6.914   -0.653  3.961   1.00 13.94 ? 2   DG  A N7    1 
ATOM   15  C  C5    . DG  A 1 2 ? 6.101   -1.713  3.605   1.00 11.84 ? 2   DG  A C5    1 
ATOM   16  C  C6    . DG  A 1 2 ? 4.808   -2.047  4.053   1.00 11.04 ? 2   DG  A C6    1 
ATOM   17  O  O6    . DG  A 1 2 ? 4.118   -1.508  4.934   1.00 12.04 ? 2   DG  A O6    1 
ATOM   18  N  N1    . DG  A 1 2 ? 4.316   -3.158  3.380   1.00 10.79 ? 2   DG  A N1    1 
ATOM   19  C  C2    . DG  A 1 2 ? 4.984   -3.840  2.396   1.00 11.12 ? 2   DG  A C2    1 
ATOM   20  N  N2    . DG  A 1 2 ? 4.344   -4.872  1.845   1.00 10.76 ? 2   DG  A N2    1 
ATOM   21  N  N3    . DG  A 1 2 ? 6.206   -3.540  1.977   1.00 11.63 ? 2   DG  A N3    1 
ATOM   22  C  C4    . DG  A 1 2 ? 6.706   -2.478  2.633   1.00 12.07 ? 2   DG  A C4    1 
ATOM   23  P  P     . DT  A 1 3 ? 11.559  -2.457  -1.733  1.00 27.77 ? 3   DT  A P     1 
ATOM   24  O  OP1   . DT  A 1 3 ? 12.388  -3.512  -2.353  1.00 33.48 ? 3   DT  A OP1   1 
ATOM   25  O  OP2   . DT  A 1 3 ? 11.818  -0.989  -1.922  1.00 30.45 ? 3   DT  A OP2   1 
ATOM   26  O  "O5'" . DT  A 1 3 ? 10.074  -2.649  -2.284  1.00 25.02 ? 3   DT  A "O5'" 1 
ATOM   27  C  "C5'" . DT  A 1 3 ? 9.517   -3.961  -2.281  1.00 22.45 ? 3   DT  A "C5'" 1 
ATOM   28  C  "C4'" . DT  A 1 3 ? 8.034   -3.811  -2.499  1.00 19.47 ? 3   DT  A "C4'" 1 
ATOM   29  O  "O4'" . DT  A 1 3 ? 7.380   -3.148  -1.408  1.00 16.15 ? 3   DT  A "O4'" 1 
ATOM   30  C  "C3'" . DT  A 1 3 ? 7.632   -3.044  -3.769  1.00 17.36 ? 3   DT  A "C3'" 1 
ATOM   31  O  "O3'" . DT  A 1 3 ? 7.234   -4.040  -4.709  1.00 18.89 ? 3   DT  A "O3'" 1 
ATOM   32  C  "C2'" . DT  A 1 3 ? 6.544   -2.093  -3.287  1.00 16.92 ? 3   DT  A "C2'" 1 
ATOM   33  C  "C1'" . DT  A 1 3 ? 6.170   -2.660  -1.933  1.00 15.84 ? 3   DT  A "C1'" 1 
ATOM   34  N  N1    . DT  A 1 3 ? 5.610   -1.727  -0.928  1.00 13.46 ? 3   DT  A N1    1 
ATOM   35  C  C2    . DT  A 1 3 ? 4.347   -1.991  -0.403  1.00 13.00 ? 3   DT  A C2    1 
ATOM   36  O  O2    . DT  A 1 3 ? 3.630   -2.909  -0.777  1.00 12.71 ? 3   DT  A O2    1 
ATOM   37  N  N3    . DT  A 1 3 ? 3.953   -1.123  0.571   1.00 12.78 ? 3   DT  A N3    1 
ATOM   38  C  C4    . DT  A 1 3 ? 4.629   -0.011  1.039   1.00 15.70 ? 3   DT  A C4    1 
ATOM   39  O  O4    . DT  A 1 3 ? 4.124   0.665   1.928   1.00 15.05 ? 3   DT  A O4    1 
ATOM   40  C  C5    . DT  A 1 3 ? 5.935   0.218   0.445   1.00 14.92 ? 3   DT  A C5    1 
ATOM   41  C  C7    . DT  A 1 3 ? 6.744   1.392   0.915   1.00 15.35 ? 3   DT  A C7    1 
ATOM   42  C  C6    . DT  A 1 3 ? 6.365   -0.642  -0.492  1.00 15.07 ? 3   DT  A C6    1 
ATOM   43  P  P     . DA  A 1 4 ? 6.510   -3.702  -6.093  1.00 19.42 ? 4   DA  A P     1 
ATOM   44  O  OP1   . DA  A 1 4 ? 6.707   -4.876  -6.972  1.00 22.74 ? 4   DA  A OP1   1 
ATOM   45  O  OP2   . DA  A 1 4 ? 6.797   -2.300  -6.496  1.00 20.88 ? 4   DA  A OP2   1 
ATOM   46  O  "O5'" . DA  A 1 4 ? 4.983   -3.716  -5.675  1.00 16.70 ? 4   DA  A "O5'" 1 
ATOM   47  C  "C5'" . DA  A 1 4 ? 4.383   -4.955  -5.317  1.00 16.07 ? 4   DA  A "C5'" 1 
ATOM   48  C  "C4'" . DA  A 1 4 ? 2.900   -4.745  -5.178  1.00 15.33 ? 4   DA  A "C4'" 1 
ATOM   49  O  "O4'" . DA  A 1 4 ? 2.591   -3.937  -3.998  1.00 15.83 ? 4   DA  A "O4'" 1 
ATOM   50  C  "C3'" . DA  A 1 4 ? 2.292   -4.026  -6.391  1.00 17.91 ? 4   DA  A "C3'" 1 
ATOM   51  O  "O3'" . DA  A 1 4 ? 1.191   -4.851  -6.715  1.00 19.78 ? 4   DA  A "O3'" 1 
ATOM   52  C  "C2'" . DA  A 1 4 ? 1.868   -2.665  -5.855  1.00 17.10 ? 4   DA  A "C2'" 1 
ATOM   53  C  "C1'" . DA  A 1 4 ? 1.642   -2.922  -4.361  1.00 15.73 ? 4   DA  A "C1'" 1 
ATOM   54  N  N9    . DA  A 1 4 ? 1.901   -1.758  -3.514  1.00 14.17 ? 4   DA  A N9    1 
ATOM   55  C  C8    . DA  A 1 4 ? 3.012   -0.941  -3.558  1.00 11.89 ? 4   DA  A C8    1 
ATOM   56  N  N7    . DA  A 1 4 ? 3.007   -0.003  -2.633  1.00 13.57 ? 4   DA  A N7    1 
ATOM   57  C  C5    . DA  A 1 4 ? 1.792   -0.179  -1.982  1.00 12.42 ? 4   DA  A C5    1 
ATOM   58  C  C6    . DA  A 1 4 ? 1.157   0.539   -0.953  1.00 11.92 ? 4   DA  A C6    1 
ATOM   59  N  N6    . DA  A 1 4 ? 1.697   1.604   -0.377  1.00 13.32 ? 4   DA  A N6    1 
ATOM   60  N  N1    . DA  A 1 4 ? -0.051  0.105   -0.521  1.00 12.15 ? 4   DA  A N1    1 
ATOM   61  C  C2    . DA  A 1 4 ? -0.586  -0.965  -1.108  1.00 11.64 ? 4   DA  A C2    1 
ATOM   62  N  N3    . DA  A 1 4 ? -0.097  -1.711  -2.100  1.00 13.01 ? 4   DA  A N3    1 
ATOM   63  C  C4    . DA  A 1 4 ? 1.105   -1.262  -2.501  1.00 11.91 ? 4   DA  A C4    1 
ATOM   64  P  P     . DC  A 1 5 ? 0.363   -4.628  -8.087  1.00 29.07 ? 5   DC  A P     1 
ATOM   65  O  OP1   . DC  A 1 5 ? -0.289  -5.921  -8.405  1.00 27.55 ? 5   DC  A OP1   1 
ATOM   66  O  OP2   . DC  A 1 5 ? 1.188   -3.865  -9.033  1.00 30.11 ? 5   DC  A OP2   1 
ATOM   67  O  "O5'" . DC  A 1 5 ? -0.733  -3.527  -7.710  1.00 23.01 ? 5   DC  A "O5'" 1 
ATOM   68  C  "C5'" . DC  A 1 5 ? -1.730  -3.844  -6.753  1.00 21.01 ? 5   DC  A "C5'" 1 
ATOM   69  C  "C4'" . DC  A 1 5 ? -2.461  -2.583  -6.336  1.00 21.81 ? 5   DC  A "C4'" 1 
ATOM   70  O  "O4'" . DC  A 1 5 ? -1.659  -1.775  -5.444  1.00 19.85 ? 5   DC  A "O4'" 1 
ATOM   71  C  "C3'" . DC  A 1 5 ? -2.809  -1.655  -7.507  1.00 23.37 ? 5   DC  A "C3'" 1 
ATOM   72  O  "O3'" . DC  A 1 5 ? -4.214  -1.741  -7.792  1.00 25.11 ? 5   DC  A "O3'" 1 
ATOM   73  C  "C2'" . DC  A 1 5 ? -2.225  -0.319  -7.090  1.00 21.22 ? 5   DC  A "C2'" 1 
ATOM   74  C  "C1'" . DC  A 1 5 ? -2.082  -0.460  -5.589  1.00 19.60 ? 5   DC  A "C1'" 1 
ATOM   75  N  N1    . DC  A 1 5 ? -1.072  0.425   -4.985  1.00 16.62 ? 5   DC  A N1    1 
ATOM   76  C  C2    . DC  A 1 5 ? -1.447  1.179   -3.859  1.00 14.98 ? 5   DC  A C2    1 
ATOM   77  O  O2    . DC  A 1 5 ? -2.517  0.931   -3.307  1.00 17.53 ? 5   DC  A O2    1 
ATOM   78  N  N3    . DC  A 1 5 ? -0.598  2.108   -3.373  1.00 15.88 ? 5   DC  A N3    1 
ATOM   79  C  C4    . DC  A 1 5 ? 0.601   2.269   -3.944  1.00 12.82 ? 5   DC  A C4    1 
ATOM   80  N  N4    . DC  A 1 5 ? 1.423   3.166   -3.414  1.00 15.46 ? 5   DC  A N4    1 
ATOM   81  C  C5    . DC  A 1 5 ? 1.001   1.521   -5.098  1.00 17.08 ? 5   DC  A C5    1 
ATOM   82  C  C6    . DC  A 1 5 ? 0.116   0.670   -5.616  1.00 14.82 ? 5   DC  A C6    1 
ATOM   83  P  P     . DG  A 1 6 ? -4.867  -0.939  -9.054  1.00 28.63 ? 6   DG  A P     1 
ATOM   84  O  OP1   . DG  A 1 6 ? -5.968  -1.794  -9.513  1.00 37.04 ? 6   DG  A OP1   1 
ATOM   85  O  OP2   . DG  A 1 6 ? -3.807  -0.427  -9.969  1.00 26.41 ? 6   DG  A OP2   1 
ATOM   86  O  "O5'" . DG  A 1 6 ? -5.243  0.518   -8.490  1.00 24.59 ? 6   DG  A "O5'" 1 
ATOM   87  C  "C5'" . DG  A 1 6 ? -6.338  0.715   -7.624  1.00 22.23 ? 6   DG  A "C5'" 1 
ATOM   88  C  "C4'" . DG  A 1 6 ? -7.179  1.869   -8.123  1.00 21.96 ? 6   DG  A "C4'" 1 
ATOM   89  O  "O4'" . DG  A 1 6 ? -6.456  3.107   -7.920  1.00 20.45 ? 6   DG  A "O4'" 1 
ATOM   90  C  "C3'" . DG  A 1 6 ? -7.470  1.830   -9.620  1.00 22.19 ? 6   DG  A "C3'" 1 
ATOM   91  O  "O3'" . DG  A 1 6 ? -8.647  1.077   -9.833  1.00 22.48 ? 6   DG  A "O3'" 1 
ATOM   92  C  "C2'" . DG  A 1 6 ? -7.622  3.293   -9.985  1.00 20.64 ? 6   DG  A "C2'" 1 
ATOM   93  C  "C1'" . DG  A 1 6 ? -6.648  3.979   -9.046  1.00 18.65 ? 6   DG  A "C1'" 1 
ATOM   94  N  N9    . DG  A 1 6 ? -5.332  4.275   -9.590  1.00 18.36 ? 6   DG  A N9    1 
ATOM   95  C  C8    . DG  A 1 6 ? -4.763  3.728   -10.712 1.00 19.48 ? 6   DG  A C8    1 
ATOM   96  N  N7    . DG  A 1 6 ? -3.559  4.174   -10.948 1.00 20.19 ? 6   DG  A N7    1 
ATOM   97  C  C5    . DG  A 1 6 ? -3.289  5.019   -9.879  1.00 17.72 ? 6   DG  A C5    1 
ATOM   98  C  C6    . DG  A 1 6 ? -2.116  5.770   -9.569  1.00 16.27 ? 6   DG  A C6    1 
ATOM   99  O  O6    . DG  A 1 6 ? -1.045  5.832   -10.193 1.00 23.15 ? 6   DG  A O6    1 
ATOM   100 N  N1    . DG  A 1 6 ? -2.262  6.484   -8.388  1.00 16.78 ? 6   DG  A N1    1 
ATOM   101 C  C2    . DG  A 1 6 ? -3.411  6.539   -7.632  1.00 14.71 ? 6   DG  A C2    1 
ATOM   102 N  N2    . DG  A 1 6 ? -3.352  7.305   -6.532  1.00 15.81 ? 6   DG  A N2    1 
ATOM   103 N  N3    . DG  A 1 6 ? -4.510  5.836   -7.899  1.00 15.89 ? 6   DG  A N3    1 
ATOM   104 C  C4    . DG  A 1 6 ? -4.383  5.117   -9.043  1.00 16.19 ? 6   DG  A C4    1 
ATOM   105 O  "O5'" . DC  B 1 1 ? -2.887  8.996   9.266   1.00 43.90 ? 7   DC  B "O5'" 1 
ATOM   106 C  "C5'" . DC  B 1 1 ? -3.989  9.204   8.376   1.00 38.70 ? 7   DC  B "C5'" 1 
ATOM   107 C  "C4'" . DC  B 1 1 ? -3.734  10.465  7.585   1.00 34.96 ? 7   DC  B "C4'" 1 
ATOM   108 O  "O4'" . DC  B 1 1 ? -3.903  11.609  8.444   1.00 32.22 ? 7   DC  B "O4'" 1 
ATOM   109 C  "C3'" . DC  B 1 1 ? -2.342  10.598  6.961   1.00 31.86 ? 7   DC  B "C3'" 1 
ATOM   110 O  "O3'" . DC  B 1 1 ? -2.603  11.162  5.690   1.00 33.48 ? 7   DC  B "O3'" 1 
ATOM   111 C  "C2'" . DC  B 1 1 ? -1.656  11.674  7.796   1.00 28.61 ? 7   DC  B "C2'" 1 
ATOM   112 C  "C1'" . DC  B 1 1 ? -2.828  12.517  8.264   1.00 27.73 ? 7   DC  B "C1'" 1 
ATOM   113 N  N1    . DC  B 1 1 ? -2.685  13.304  9.513   1.00 25.65 ? 7   DC  B N1    1 
ATOM   114 C  C2    . DC  B 1 1 ? -2.997  14.669  9.450   1.00 22.34 ? 7   DC  B C2    1 
ATOM   115 O  O2    . DC  B 1 1 ? -3.303  15.167  8.345   1.00 24.03 ? 7   DC  B O2    1 
ATOM   116 N  N3    . DC  B 1 1 ? -2.944  15.409  10.583  1.00 22.08 ? 7   DC  B N3    1 
ATOM   117 C  C4    . DC  B 1 1 ? -2.556  14.851  11.733  1.00 23.49 ? 7   DC  B C4    1 
ATOM   118 N  N4    . DC  B 1 1 ? -2.509  15.633  12.819  1.00 25.13 ? 7   DC  B N4    1 
ATOM   119 C  C5    . DC  B 1 1 ? -2.273  13.455  11.834  1.00 28.93 ? 7   DC  B C5    1 
ATOM   120 C  C6    . DC  B 1 1 ? -2.374  12.720  10.712  1.00 26.20 ? 7   DC  B C6    1 
ATOM   121 P  P     . DG  B 1 2 ? -2.158  10.472  4.329   1.00 34.43 ? 8   DG  B P     1 
ATOM   122 O  OP1   . DG  B 1 2 ? -0.768  9.976   4.433   1.00 36.07 ? 8   DG  B OP1   1 
ATOM   123 O  OP2   . DG  B 1 2 ? -2.500  11.433  3.263   1.00 34.08 ? 8   DG  B OP2   1 
ATOM   124 O  "O5'" . DG  B 1 2 ? -3.041  9.144   4.295   1.00 29.39 ? 8   DG  B "O5'" 1 
ATOM   125 C  "C5'" . DG  B 1 2 ? -4.476  9.205   4.280   1.00 27.34 ? 8   DG  B "C5'" 1 
ATOM   126 C  "C4'" . DG  B 1 2 ? -5.033  7.960   3.631   1.00 23.52 ? 8   DG  B "C4'" 1 
ATOM   127 O  "O4'" . DG  B 1 2 ? -4.655  7.920   2.242   1.00 22.71 ? 8   DG  B "O4'" 1 
ATOM   128 C  "C3'" . DG  B 1 2 ? -4.522  6.643   4.213   1.00 20.85 ? 8   DG  B "C3'" 1 
ATOM   129 O  "O3'" . DG  B 1 2 ? -5.337  6.347   5.336   1.00 20.07 ? 8   DG  B "O3'" 1 
ATOM   130 C  "C2'" . DG  B 1 2 ? -4.807  5.690   3.069   1.00 20.04 ? 8   DG  B "C2'" 1 
ATOM   131 C  "C1'" . DG  B 1 2 ? -4.588  6.555   1.831   1.00 18.55 ? 8   DG  B "C1'" 1 
ATOM   132 N  N9    . DG  B 1 2 ? -3.281  6.346   1.224   1.00 17.54 ? 8   DG  B N9    1 
ATOM   133 C  C8    . DG  B 1 2 ? -2.181  7.147   1.389   1.00 20.19 ? 8   DG  B C8    1 
ATOM   134 N  N7    . DG  B 1 2 ? -1.143  6.735   0.718   1.00 20.52 ? 8   DG  B N7    1 
ATOM   135 C  C5    . DG  B 1 2 ? -1.561  5.542   0.140   1.00 15.36 ? 8   DG  B C5    1 
ATOM   136 C  C6    . DG  B 1 2 ? -0.870  4.650   -0.704  1.00 14.56 ? 8   DG  B C6    1 
ATOM   137 O  O6    . DG  B 1 2 ? 0.279   4.739   -1.141  1.00 15.96 ? 8   DG  B O6    1 
ATOM   138 N  N1    . DG  B 1 2 ? -1.706  3.637   -1.160  1.00 14.66 ? 8   DG  B N1    1 
ATOM   139 C  C2    . DG  B 1 2 ? -3.006  3.452   -0.761  1.00 15.18 ? 8   DG  B C2    1 
ATOM   140 N  N2    . DG  B 1 2 ? -3.644  2.372   -1.250  1.00 14.72 ? 8   DG  B N2    1 
ATOM   141 N  N3    . DG  B 1 2 ? -3.657  4.286   0.006   1.00 15.36 ? 8   DG  B N3    1 
ATOM   142 C  C4    . DG  B 1 2 ? -2.885  5.302   0.418   1.00 15.42 ? 8   DG  B C4    1 
ATOM   143 P  P     . DT  B 1 3 ? -4.941  5.197   6.361   1.00 22.14 ? 9   DT  B P     1 
ATOM   144 O  OP1   . DT  B 1 3 ? -5.869  5.259   7.481   1.00 25.16 ? 9   DT  B OP1   1 
ATOM   145 O  OP2   . DT  B 1 3 ? -3.469  5.307   6.495   1.00 23.33 ? 9   DT  B OP2   1 
ATOM   146 O  "O5'" . DT  B 1 3 ? -5.319  3.856   5.587   1.00 19.12 ? 9   DT  B "O5'" 1 
ATOM   147 C  "C5'" . DT  B 1 3 ? -6.684  3.503   5.199   1.00 17.90 ? 9   DT  B "C5'" 1 
ATOM   148 C  "C4'" . DT  B 1 3 ? -6.588  2.176   4.483   1.00 18.60 ? 9   DT  B "C4'" 1 
ATOM   149 O  "O4'" . DT  B 1 3 ? -5.621  2.269   3.413   1.00 17.67 ? 9   DT  B "O4'" 1 
ATOM   150 C  "C3'" . DT  B 1 3 ? -6.120  1.003   5.373   1.00 17.33 ? 9   DT  B "C3'" 1 
ATOM   151 O  "O3'" . DT  B 1 3 ? -6.917  -0.094  4.962   1.00 21.74 ? 9   DT  B "O3'" 1 
ATOM   152 C  "C2'" . DT  B 1 3 ? -4.673  0.804   4.962   1.00 16.74 ? 9   DT  B "C2'" 1 
ATOM   153 C  "C1'" . DT  B 1 3 ? -4.676  1.203   3.511   1.00 15.71 ? 9   DT  B "C1'" 1 
ATOM   154 N  N1    . DT  B 1 3 ? -3.411  1.678   3.017   1.00 14.51 ? 9   DT  B N1    1 
ATOM   155 C  C2    . DT  B 1 3 ? -2.804  1.018   1.958   1.00 13.77 ? 9   DT  B C2    1 
ATOM   156 O  O2    . DT  B 1 3 ? -3.292  0.044   1.404   1.00 15.75 ? 9   DT  B O2    1 
ATOM   157 N  N3    . DT  B 1 3 ? -1.607  1.534   1.578   1.00 13.68 ? 9   DT  B N3    1 
ATOM   158 C  C4    . DT  B 1 3 ? -0.940  2.585   2.154   1.00 13.76 ? 9   DT  B C4    1 
ATOM   159 O  O4    . DT  B 1 3 ? 0.116   2.938   1.693   1.00 15.15 ? 9   DT  B O4    1 
ATOM   160 C  C5    . DT  B 1 3 ? -1.638  3.260   3.232   1.00 14.23 ? 9   DT  B C5    1 
ATOM   161 C  C7    . DT  B 1 3 ? -0.987  4.438   3.894   1.00 17.63 ? 9   DT  B C7    1 
ATOM   162 C  C6    . DT  B 1 3 ? -2.825  2.780   3.609   1.00 13.26 ? 9   DT  B C6    1 
ATOM   163 P  P     . DA  B 1 4 ? -6.826  -1.556  5.662   1.00 22.44 ? 10  DA  B P     1 
ATOM   164 O  OP1   . DA  B 1 4 ? -8.213  -1.993  5.701   1.00 22.82 ? 10  DA  B OP1   1 
ATOM   165 O  OP2   . DA  B 1 4 ? -6.004  -1.440  6.878   1.00 22.16 ? 10  DA  B OP2   1 
ATOM   166 O  "O5'" . DA  B 1 4 ? -5.965  -2.388  4.622   1.00 21.43 ? 10  DA  B "O5'" 1 
ATOM   167 C  "C5'" . DA  B 1 4 ? -6.470  -2.630  3.325   1.00 18.64 ? 10  DA  B "C5'" 1 
ATOM   168 C  "C4'" . DA  B 1 4 ? -5.597  -3.656  2.656   1.00 16.77 ? 10  DA  B "C4'" 1 
ATOM   169 O  "O4'" . DA  B 1 4 ? -4.332  -3.109  2.199   1.00 17.37 ? 10  DA  B "O4'" 1 
ATOM   170 C  "C3'" . DA  B 1 4 ? -5.235  -4.828  3.571   1.00 15.72 ? 10  DA  B "C3'" 1 
ATOM   171 O  "O3'" . DA  B 1 4 ? -5.442  -6.072  2.864   1.00 17.88 ? 10  DA  B "O3'" 1 
ATOM   172 C  "C2'" . DA  B 1 4 ? -3.801  -4.535  3.975   1.00 15.64 ? 10  DA  B "C2'" 1 
ATOM   173 C  "C1'" . DA  B 1 4 ? -3.228  -3.830  2.750   1.00 15.67 ? 10  DA  B "C1'" 1 
ATOM   174 N  N9    . DA  B 1 4 ? -2.221  -2.838  3.053   1.00 12.03 ? 10  DA  B N9    1 
ATOM   175 C  C8    . DA  B 1 4 ? -2.375  -1.812  3.946   1.00 12.45 ? 10  DA  B C8    1 
ATOM   176 N  N7    . DA  B 1 4 ? -1.343  -1.019  4.019   1.00 13.09 ? 10  DA  B N7    1 
ATOM   177 C  C5    . DA  B 1 4 ? -0.465  -1.527  3.066   1.00 11.30 ? 10  DA  B C5    1 
ATOM   178 C  C6    . DA  B 1 4 ? 0.791   -1.128  2.647   1.00 9.59  ? 10  DA  B C6    1 
ATOM   179 N  N6    . DA  B 1 4 ? 1.390   -0.042  3.112   1.00 11.70 ? 10  DA  B N6    1 
ATOM   180 N  N1    . DA  B 1 4 ? 1.405   -1.846  1.687   1.00 10.76 ? 10  DA  B N1    1 
ATOM   181 C  C2    . DA  B 1 4 ? 0.793   -2.947  1.227   1.00 9.59  ? 10  DA  B C2    1 
ATOM   182 N  N3    . DA  B 1 4 ? -0.419  -3.394  1.499   1.00 10.83 ? 10  DA  B N3    1 
ATOM   183 C  C4    . DA  B 1 4 ? -0.989  -2.656  2.475   1.00 11.40 ? 10  DA  B C4    1 
ATOM   184 P  P     . DC  B 1 5 ? -5.368  -7.475  3.672   1.00 19.56 ? 11  DC  B P     1 
ATOM   185 O  OP1   . DC  B 1 5 ? -6.081  -8.432  2.852   1.00 21.35 ? 11  DC  B OP1   1 
ATOM   186 O  OP2   . DC  B 1 5 ? -5.595  -7.278  5.065   1.00 18.77 ? 11  DC  B OP2   1 
ATOM   187 O  "O5'" . DC  B 1 5 ? -3.811  -7.863  3.511   1.00 17.93 ? 11  DC  B "O5'" 1 
ATOM   188 C  "C5'" . DC  B 1 5 ? -3.187  -8.155  2.248   1.00 14.93 ? 11  DC  B "C5'" 1 
ATOM   189 C  "C4'" . DC  B 1 5 ? -1.694  -8.311  2.496   1.00 12.60 ? 11  DC  B "C4'" 1 
ATOM   190 O  "O4'" . DC  B 1 5 ? -1.106  -7.005  2.837   1.00 12.80 ? 11  DC  B "O4'" 1 
ATOM   191 C  "C3'" . DC  B 1 5 ? -1.323  -9.233  3.677   1.00 12.95 ? 11  DC  B "C3'" 1 
ATOM   192 O  "O3'" . DC  B 1 5 ? -0.388  -10.168 3.136   1.00 12.44 ? 11  DC  B "O3'" 1 
ATOM   193 C  "C2'" . DC  B 1 5 ? -0.725  -8.278  4.712   1.00 11.98 ? 11  DC  B "C2'" 1 
ATOM   194 C  "C1'" . DC  B 1 5 ? -0.107  -7.241  3.809   1.00 11.87 ? 11  DC  B "C1'" 1 
ATOM   195 N  N1    . DC  B 1 5 ? 0.277   -5.950  4.399   1.00 10.77 ? 11  DC  B N1    1 
ATOM   196 C  C2    . DC  B 1 5 ? 1.435   -5.325  3.938   1.00 10.50 ? 11  DC  B C2    1 
ATOM   197 O  O2    . DC  B 1 5 ? 2.087   -5.851  3.035   1.00 11.27 ? 11  DC  B O2    1 
ATOM   198 N  N3    . DC  B 1 5 ? 1.738   -4.098  4.386   1.00 9.79  ? 11  DC  B N3    1 
ATOM   199 C  C4    . DC  B 1 5 ? 0.974   -3.513  5.299   1.00 8.91  ? 11  DC  B C4    1 
ATOM   200 N  N4    . DC  B 1 5 ? 1.404   -2.342  5.794   1.00 10.73 ? 11  DC  B N4    1 
ATOM   201 C  C5    . DC  B 1 5 ? -0.239  -4.090  5.757   1.00 9.44  ? 11  DC  B C5    1 
ATOM   202 C  C6    . DC  B 1 5 ? -0.547  -5.310  5.288   1.00 10.12 ? 11  DC  B C6    1 
ATOM   203 P  P     . DG  B 1 6 ? -0.136  -11.582 3.906   1.00 12.79 ? 12  DG  B P     1 
ATOM   204 O  OP1   . DG  B 1 6 ? 0.523   -12.461 2.934   1.00 14.29 ? 12  DG  B OP1   1 
ATOM   205 O  OP2   . DG  B 1 6 ? -1.400  -12.014 4.485   1.00 13.50 ? 12  DG  B OP2   1 
ATOM   206 O  "O5'" . DG  B 1 6 ? 0.915   -11.213 5.062   1.00 11.64 ? 12  DG  B "O5'" 1 
ATOM   207 C  "C5'" . DG  B 1 6 ? 2.233   -10.659 4.688   1.00 11.06 ? 12  DG  B "C5'" 1 
ATOM   208 C  "C4'" . DG  B 1 6 ? 3.081   -10.673 5.946   1.00 10.38 ? 12  DG  B "C4'" 1 
ATOM   209 O  "O4'" . DG  B 1 6 ? 2.387   -10.021 7.039   1.00 12.08 ? 12  DG  B "O4'" 1 
ATOM   210 C  "C3'" . DG  B 1 6 ? 3.390   -12.086 6.475   1.00 10.77 ? 12  DG  B "C3'" 1 
ATOM   211 O  "O3'" . DG  B 1 6 ? 4.667   -12.530 6.028   1.00 12.87 ? 12  DG  B "O3'" 1 
ATOM   212 C  "C2'" . DG  B 1 6 ? 3.363   -11.904 7.992   1.00 12.81 ? 12  DG  B "C2'" 1 
ATOM   213 C  "C1'" . DG  B 1 6 ? 2.254   -10.882 8.151   1.00 12.63 ? 12  DG  B "C1'" 1 
ATOM   214 N  N9    . DG  B 1 6 ? 0.943   -11.500 8.054   1.00 12.43 ? 12  DG  B N9    1 
ATOM   215 C  C8    . DG  B 1 6 ? 0.660   -12.833 7.804   1.00 13.30 ? 12  DG  B C8    1 
ATOM   216 N  N7    . DG  B 1 6 ? -0.620  -13.075 7.673   1.00 13.34 ? 12  DG  B N7    1 
ATOM   217 C  C5    . DG  B 1 6 ? -1.211  -11.814 7.746   1.00 13.38 ? 12  DG  B C5    1 
ATOM   218 C  C6    . DG  B 1 6 ? -2.572  -11.429 7.632   1.00 14.78 ? 12  DG  B C6    1 
ATOM   219 O  O6    . DG  B 1 6 ? -3.559  -12.152 7.446   1.00 16.89 ? 12  DG  B O6    1 
ATOM   220 N  N1    . DG  B 1 6 ? -2.738  -10.056 7.814   1.00 13.87 ? 12  DG  B N1    1 
ATOM   221 C  C2    . DG  B 1 6 ? -1.704  -9.152  7.989   1.00 12.07 ? 12  DG  B C2    1 
ATOM   222 N  N2    . DG  B 1 6 ? -2.068  -7.848  8.127   1.00 13.03 ? 12  DG  B N2    1 
ATOM   223 N  N3    . DG  B 1 6 ? -0.430  -9.502  8.107   1.00 11.39 ? 12  DG  B N3    1 
ATOM   224 C  C4    . DG  B 1 6 ? -0.260  -10.836 8.001   1.00 11.78 ? 12  DG  B C4    1 
HETATM 225 O  O1    . VAR C 2 . ? 0.225   7.263   -3.147  0.50 33.10 ? 101 VAR A O1    1 
HETATM 226 C  C1    . VAR C 2 . ? 1.058   6.781   -4.117  0.50 26.08 ? 101 VAR A C1    1 
HETATM 227 C  C2    . VAR C 2 . ? 2.389   7.218   -4.183  0.50 27.27 ? 101 VAR A C2    1 
HETATM 228 C  C3    . VAR C 2 . ? 3.263   6.774   -5.167  0.50 28.60 ? 101 VAR A C3    1 
HETATM 229 N  N1    . VAR C 2 . ? 2.803   5.908   -6.076  0.50 27.01 ? 101 VAR A N1    1 
HETATM 230 C  C4    . VAR C 2 . ? 1.512   5.479   -5.984  0.50 23.05 ? 101 VAR A C4    1 
HETATM 231 N  N2    . VAR C 2 . ? 1.036   4.624   -6.838  0.50 22.90 ? 101 VAR A N2    1 
HETATM 232 C  C5    . VAR C 2 . ? 1.819   4.152   -7.829  0.50 22.11 ? 101 VAR A C5    1 
HETATM 233 N  N3    . VAR C 2 . ? 3.114   4.537   -7.925  0.50 24.62 ? 101 VAR A N3    1 
HETATM 234 N  N4    . VAR C 2 . ? 1.301   3.264   -8.697  0.50 23.47 ? 101 VAR A N4    1 
HETATM 235 C  C6    . VAR C 2 . ? -0.018  2.950   -8.483  0.50 25.32 ? 101 VAR A C6    1 
HETATM 236 C  C7    . VAR C 2 . ? -0.840  3.480   -7.416  0.50 23.76 ? 101 VAR A C7    1 
HETATM 237 C  C8    . VAR C 2 . ? -0.252  4.375   -6.526  0.50 21.50 ? 101 VAR A C8    1 
HETATM 238 C  C9    . VAR C 2 . ? -0.671  5.140   -5.371  0.50 21.24 ? 101 VAR A C9    1 
HETATM 239 C  C10   . VAR C 2 . ? 0.590   5.901   -5.055  0.50 23.74 ? 101 VAR A C10   1 
HETATM 240 C  C11   . VAR C 2 . ? -1.932  5.344   -4.537  0.50 16.63 ? 101 VAR A C11   1 
HETATM 241 C  C14   . VAR C 2 . ? -3.090  4.550   -4.606  0.50 16.96 ? 101 VAR A C14   1 
HETATM 242 C  C13   . VAR C 2 . ? -4.173  4.899   -3.761  0.50 17.02 ? 101 VAR A C13   1 
HETATM 243 N  N7    . VAR C 2 . ? -4.129  5.946   -2.942  0.50 17.73 ? 101 VAR A N7    1 
HETATM 244 C  C12   . VAR C 2 . ? -3.048  6.738   -2.855  0.50 17.97 ? 101 VAR A C12   1 
HETATM 245 N  N5    . VAR C 2 . ? -1.966  6.420   -3.654  0.50 18.21 ? 101 VAR A N5    1 
HETATM 246 N  N6    . VAR C 2 . ? -3.098  7.793   -1.961  0.50 19.28 ? 101 VAR A N6    1 
HETATM 247 O  O1    . VAR D 2 . ? -2.756  5.822   -3.258  0.50 20.29 ? 102 VAR A O1    1 
HETATM 248 C  C1    . VAR D 2 . ? -3.282  4.885   -4.088  0.50 19.89 ? 102 VAR A C1    1 
HETATM 249 C  C2    . VAR D 2 . ? -4.567  4.402   -3.878  0.50 20.51 ? 102 VAR A C2    1 
HETATM 250 C  C3    . VAR D 2 . ? -5.023  3.447   -4.771  0.50 20.17 ? 102 VAR A C3    1 
HETATM 251 N  N1    . VAR D 2 . ? -4.299  2.998   -5.825  0.50 22.52 ? 102 VAR A N1    1 
HETATM 252 C  C4    . VAR D 2 . ? -3.076  3.484   -6.032  0.50 20.51 ? 102 VAR A C4    1 
HETATM 253 N  N2    . VAR D 2 . ? -2.241  3.194   -6.981  0.50 20.66 ? 102 VAR A N2    1 
HETATM 254 C  C5    . VAR D 2 . ? -2.422  2.366   -7.938  0.50 23.58 ? 102 VAR A C5    1 
HETATM 255 N  N3    . VAR D 2 . ? -3.650  1.841   -7.837  0.50 28.13 ? 102 VAR A N3    1 
HETATM 256 N  N4    . VAR D 2 . ? -1.497  2.080   -8.906  0.50 23.59 ? 102 VAR A N4    1 
HETATM 257 C  C6    . VAR D 2 . ? -0.309  2.715   -8.832  0.50 21.79 ? 102 VAR A C6    1 
HETATM 258 C  C7    . VAR D 2 . ? -0.055  3.635   -7.754  0.50 21.95 ? 102 VAR A C7    1 
HETATM 259 C  C8    . VAR D 2 . ? -1.111  3.818   -6.838  0.50 20.77 ? 102 VAR A C8    1 
HETATM 260 C  C9    . VAR D 2 . ? -1.283  4.552   -5.723  0.50 20.43 ? 102 VAR A C9    1 
HETATM 261 C  C10   . VAR D 2 . ? -2.592  4.371   -5.174  0.50 21.05 ? 102 VAR A C10   1 
HETATM 262 C  C11   . VAR D 2 . ? -0.432  5.510   -5.111  0.50 23.59 ? 102 VAR A C11   1 
HETATM 263 C  C14   . VAR D 2 . ? 0.899   5.697   -5.449  0.50 25.55 ? 102 VAR A C14   1 
HETATM 264 C  C13   . VAR D 2 . ? 1.507   6.695   -4.720  0.50 25.79 ? 102 VAR A C13   1 
HETATM 265 N  N7    . VAR D 2 . ? 0.743   7.383   -3.828  0.50 31.06 ? 102 VAR A N7    1 
HETATM 266 C  C12   . VAR D 2 . ? -0.587  7.154   -3.578  0.50 28.39 ? 102 VAR A C12   1 
HETATM 267 N  N5    . VAR D 2 . ? -1.148  6.170   -4.224  0.50 24.84 ? 102 VAR A N5    1 
HETATM 268 N  N6    . VAR D 2 . ? -1.377  7.831   -2.680  0.50 31.25 ? 102 VAR A N6    1 
HETATM 269 CO CO    . NCO E 3 . ? 6.743   0.944   5.400   1.00 21.70 3 103 NCO A CO    1 
HETATM 270 N  N1    . NCO E 3 . ? 5.085   1.672   4.458   1.00 20.83 ? 103 NCO A N1    1 
HETATM 271 N  N3    . NCO E 3 . ? 5.585   -0.220  6.595   1.00 21.75 ? 103 NCO A N3    1 
HETATM 272 N  N4    . NCO E 3 . ? 6.526   2.574   6.800   1.00 36.23 ? 103 NCO A N4    1 
HETATM 273 N  N5    . NCO E 3 . ? 7.900   2.099   4.219   1.00 24.08 ? 103 NCO A N5    1 
HETATM 274 N  N6    . NCO E 3 . ? 8.439   0.216   6.457   1.00 43.92 ? 103 NCO A N6    1 
HETATM 275 CO CO    . CO  F 4 . ? -7.428  -5.047  -8.658  0.25 51.84 ? 104 CO  A CO    1 
HETATM 276 CO CO    . NCO G 3 . ? -1.278  -15.127 7.242   0.50 13.54 3 101 NCO B CO    1 
HETATM 277 N  N1    . NCO G 3 . ? -0.427  -15.705 9.027   0.50 11.43 ? 101 NCO B N1    1 
HETATM 278 N  N4    . NCO G 3 . ? -2.008  -14.462 5.490   0.50 16.53 ? 101 NCO B N4    1 
HETATM 279 N  N5    . NCO G 3 . ? 0.563   -15.607 6.365   0.50 16.63 ? 101 NCO B N5    1 
HETATM 280 N  N6    . NCO G 3 . ? -3.023  -14.659 8.199   0.50 7.99  ? 101 NCO B N6    1 
HETATM 281 CO CO    . NCO H 3 . ? 0.914   7.837   0.626   1.00 39.86 3 102 NCO B CO    1 
HETATM 282 N  N1    . NCO H 3 . ? 0.578   8.451   -1.238  1.00 38.50 ? 102 NCO B N1    1 
HETATM 283 N  N2    . NCO H 3 . ? 1.218   7.252   2.472   1.00 29.77 ? 102 NCO B N2    1 
HETATM 284 NA NA    . NA  I 5 . ? -3.379  12.511  0.906   0.25 30.42 ? 103 NA  B NA    1 
HETATM 285 O  O     . HOH J 6 . ? -11.114 2.318   -10.001 1.00 16.23 ? 201 HOH A O     1 
HETATM 286 O  O     . HOH J 6 . ? 9.782   -6.337  -8.432  1.00 11.54 ? 202 HOH A O     1 
HETATM 287 O  O     . HOH J 6 . ? 6.668   4.565   2.779   1.00 39.68 ? 203 HOH A O     1 
HETATM 288 O  O     . HOH J 6 . ? -2.256  3.117   -12.717 1.00 25.21 ? 204 HOH A O     1 
HETATM 289 O  O     . HOH J 6 . ? 8.439   -2.580  6.398   1.00 20.58 ? 205 HOH A O     1 
HETATM 290 O  O     . HOH J 6 . ? 7.389   -5.078  -9.698  0.50 23.61 ? 206 HOH A O     1 
HETATM 291 O  O     . HOH J 6 . ? 4.226   3.864   -4.829  1.00 37.96 ? 207 HOH A O     1 
HETATM 292 O  O     . HOH J 6 . ? -6.079  1.782   -13.070 1.00 24.39 ? 208 HOH A O     1 
HETATM 293 O  O     . HOH J 6 . ? 9.214   -7.591  -10.215 1.00 23.51 ? 209 HOH A O     1 
HETATM 294 O  O     . HOH J 6 . ? 12.105  -8.355  -11.366 1.00 28.30 ? 210 HOH A O     1 
HETATM 295 O  O     . HOH J 6 . ? 10.266  -5.865  -12.604 1.00 18.83 ? 211 HOH A O     1 
HETATM 296 O  O     . HOH J 6 . ? 9.235   0.651   -1.898  1.00 34.06 ? 212 HOH A O     1 
HETATM 297 O  O     . HOH J 6 . ? 4.987   1.806   -2.757  1.00 30.14 ? 213 HOH A O     1 
HETATM 298 O  O     . HOH K 6 . ? -1.842  -5.107  -0.249  1.00 15.50 ? 201 HOH B O     1 
HETATM 299 O  O     . HOH K 6 . ? 2.972   -15.483 7.749   1.00 25.59 ? 202 HOH B O     1 
HETATM 300 O  O     . HOH K 6 . ? -7.881  -5.837  6.497   1.00 37.08 ? 203 HOH B O     1 
HETATM 301 O  O     . HOH K 6 . ? -3.939  -5.837  7.095   1.00 28.77 ? 204 HOH B O     1 
HETATM 302 O  O     . HOH K 6 . ? -2.111  2.823   7.075   1.00 22.41 ? 205 HOH B O     1 
HETATM 303 O  O     . HOH K 6 . ? -0.200  1.109   5.565   1.00 23.14 ? 206 HOH B O     1 
HETATM 304 O  O     . HOH K 6 . ? -4.239  -11.847 4.219   1.00 36.39 ? 207 HOH B O     1 
HETATM 305 O  O     . HOH K 6 . ? -5.357  -9.133  7.520   1.00 28.68 ? 208 HOH B O     1 
HETATM 306 O  O     . HOH K 6 . ? -5.524  -13.401 5.871   0.50 31.55 ? 209 HOH B O     1 
HETATM 307 O  O     . HOH K 6 . ? 2.271   4.667   2.541   1.00 32.21 ? 210 HOH B O     1 
HETATM 308 O  O     . HOH K 6 . ? -3.149  -2.158  7.253   1.00 31.29 ? 211 HOH B O     1 
HETATM 309 O  O     . HOH K 6 . ? -4.392  -5.908  -0.583  1.00 26.76 ? 212 HOH B O     1 
# 
